data_1W6F
#
_entry.id   1W6F
#
_cell.length_a   101.208
_cell.length_b   106.039
_cell.length_c   140.362
_cell.angle_alpha   90.00
_cell.angle_beta   90.00
_cell.angle_gamma   90.00
#
_symmetry.space_group_name_H-M   'P 21 21 21'
#
loop_
_entity.id
_entity.type
_entity.pdbx_description
1 polymer 'ARYLAMINE N-ACETYLTRANSFERASE'
2 non-polymer 4-(DIAZENYLCARBONYL)PYRIDINE
3 water water
#
_entity_poly.entity_id   1
_entity_poly.type   'polypeptide(L)'
_entity_poly.pdbx_seq_one_letter_code
;ESHMAMDLGGYLTRIGLDGRPRPDLGTLHAIVAAHNRSIPFENLDPLLGIPVADLSAEALFAKLVDRRRGGYCYEHNGLL
GYVLEELGFEVERLSGRVVWMRADDAPLPAQTHNVLSVAVPGADGRYLVDVGFGGQTLTSPIRLEAGPVQQTRHEPYRLT
RHGDDHTLAAQVRGEWQPLYTFTTEPRPRIDLEVGSWYVSTHPGSHFVTGLTVAVVTDDARYNLRGRNLAVHRSGATEHI
RFDSAAQVLDAIVNRFGIDLGDLAGRDVQARVAEVLDT
;
_entity_poly.pdbx_strand_id   A,B,C,D
#
loop_
_chem_comp.id
_chem_comp.type
_chem_comp.name
_chem_comp.formula
ISZ non-polymer 4-(DIAZENYLCARBONYL)PYRIDINE 'C6 H5 N3 O'
#
# COMPACT_ATOMS: atom_id res chain seq x y z
N MET A 6 9.51 -46.79 -8.58
CA MET A 6 8.94 -45.84 -7.61
C MET A 6 7.69 -45.15 -8.16
N ASP A 7 6.59 -45.17 -7.40
CA ASP A 7 5.31 -44.67 -7.87
C ASP A 7 5.15 -43.10 -7.83
N LEU A 8 5.84 -42.44 -8.74
CA LEU A 8 5.82 -41.02 -8.87
C LEU A 8 4.42 -40.49 -9.06
N GLY A 9 3.59 -41.18 -9.87
CA GLY A 9 2.30 -40.65 -10.28
C GLY A 9 1.33 -40.72 -9.13
N GLY A 10 1.41 -41.80 -8.36
CA GLY A 10 0.72 -41.94 -7.12
C GLY A 10 1.00 -40.81 -6.10
N TYR A 11 2.25 -40.41 -5.98
CA TYR A 11 2.59 -39.30 -5.10
C TYR A 11 2.04 -37.97 -5.59
N LEU A 12 2.23 -37.71 -6.86
CA LEU A 12 1.68 -36.50 -7.43
C LEU A 12 0.15 -36.44 -7.28
N THR A 13 -0.50 -37.54 -7.55
CA THR A 13 -1.96 -37.66 -7.31
C THR A 13 -2.36 -37.41 -5.87
N ARG A 14 -1.64 -38.03 -4.93
CA ARG A 14 -1.83 -37.78 -3.49
C ARG A 14 -1.78 -36.29 -3.16
N ILE A 15 -0.89 -35.54 -3.82
CA ILE A 15 -0.75 -34.13 -3.53
C ILE A 15 -1.51 -33.19 -4.49
N GLY A 16 -2.37 -33.75 -5.34
CA GLY A 16 -3.29 -32.92 -6.11
C GLY A 16 -2.71 -32.41 -7.39
N LEU A 17 -1.61 -33.01 -7.85
CA LEU A 17 -0.92 -32.56 -9.04
C LEU A 17 -1.09 -33.65 -10.03
N ASP A 18 -0.63 -33.40 -11.21
CA ASP A 18 -0.70 -34.40 -12.25
C ASP A 18 0.36 -34.11 -13.31
N GLY A 19 0.47 -34.97 -14.33
CA GLY A 19 1.53 -34.82 -15.31
C GLY A 19 2.88 -35.18 -14.75
N ARG A 20 3.93 -34.85 -15.49
CA ARG A 20 5.30 -35.00 -15.02
C ARG A 20 6.01 -33.67 -15.22
N PRO A 21 6.41 -32.98 -14.15
CA PRO A 21 6.96 -31.65 -14.26
C PRO A 21 8.47 -31.63 -14.55
N ARG A 22 8.96 -30.52 -15.06
CA ARG A 22 10.37 -30.37 -15.26
C ARG A 22 11.03 -30.15 -13.91
N PRO A 23 12.27 -30.60 -13.74
CA PRO A 23 13.02 -30.32 -12.51
C PRO A 23 13.58 -28.90 -12.45
N ASP A 24 12.73 -27.96 -12.07
CA ASP A 24 13.12 -26.56 -11.98
C ASP A 24 12.57 -25.94 -10.72
N LEU A 25 12.90 -24.68 -10.51
CA LEU A 25 12.58 -23.98 -9.30
C LEU A 25 11.08 -23.85 -9.15
N GLY A 26 10.36 -23.51 -10.24
CA GLY A 26 8.91 -23.39 -10.25
C GLY A 26 8.26 -24.72 -9.82
N THR A 27 8.84 -25.83 -10.26
CA THR A 27 8.27 -27.10 -9.88
C THR A 27 8.50 -27.34 -8.35
N LEU A 28 9.69 -27.00 -7.84
CA LEU A 28 10.00 -27.22 -6.43
C LEU A 28 8.98 -26.48 -5.53
N HIS A 29 8.65 -25.23 -5.91
CA HIS A 29 7.68 -24.40 -5.17
C HIS A 29 6.28 -25.05 -5.23
N ALA A 30 5.89 -25.55 -6.39
CA ALA A 30 4.53 -26.08 -6.54
C ALA A 30 4.40 -27.39 -5.74
N ILE A 31 5.43 -28.21 -5.79
CA ILE A 31 5.32 -29.51 -5.10
C ILE A 31 5.31 -29.24 -3.55
N VAL A 32 6.11 -28.30 -3.04
CA VAL A 32 6.11 -27.96 -1.59
C VAL A 32 4.71 -27.50 -1.12
N ALA A 33 4.08 -26.62 -1.87
CA ALA A 33 2.80 -26.03 -1.53
C ALA A 33 1.70 -27.11 -1.61
N ALA A 34 1.82 -28.03 -2.56
CA ALA A 34 0.84 -29.13 -2.76
C ALA A 34 1.00 -30.18 -1.68
N HIS A 35 2.24 -30.50 -1.31
CA HIS A 35 2.50 -31.43 -0.22
C HIS A 35 1.98 -30.82 1.12
N ASN A 36 2.29 -29.55 1.38
CA ASN A 36 1.88 -28.85 2.60
C ASN A 36 0.35 -29.00 2.84
N ARG A 37 -0.47 -28.86 1.79
CA ARG A 37 -1.92 -28.88 1.94
C ARG A 37 -2.50 -30.25 1.89
N SER A 38 -1.73 -31.25 1.48
CA SER A 38 -2.31 -32.53 1.17
C SER A 38 -2.00 -33.65 2.12
N ILE A 39 -0.78 -33.67 2.65
CA ILE A 39 -0.32 -34.77 3.48
C ILE A 39 -0.10 -34.14 4.87
N PRO A 40 -0.94 -34.49 5.85
CA PRO A 40 -0.82 -33.88 7.16
C PRO A 40 0.41 -34.34 7.95
N PHE A 41 0.94 -33.47 8.79
CA PHE A 41 1.75 -33.89 9.91
C PHE A 41 0.86 -34.68 10.89
N GLU A 42 1.31 -35.84 11.34
CA GLU A 42 0.67 -36.59 12.39
C GLU A 42 1.58 -37.62 13.06
N ASN A 43 1.33 -37.95 14.30
CA ASN A 43 2.15 -38.95 15.04
C ASN A 43 1.33 -40.06 15.65
N LEU A 44 0.26 -40.46 14.98
CA LEU A 44 -0.56 -41.49 15.51
C LEU A 44 0.21 -42.79 15.77
N ASP A 45 1.15 -43.18 14.90
CA ASP A 45 1.86 -44.45 15.06
C ASP A 45 2.60 -44.46 16.38
N PRO A 46 3.50 -43.48 16.60
CA PRO A 46 4.23 -43.38 17.85
C PRO A 46 3.36 -43.24 19.11
N LEU A 47 2.33 -42.41 19.03
CA LEU A 47 1.35 -42.32 20.10
C LEU A 47 0.75 -43.69 20.51
N LEU A 48 0.49 -44.54 19.53
CA LEU A 48 -0.06 -45.85 19.75
C LEU A 48 1.00 -46.91 20.01
N GLY A 49 2.26 -46.53 20.25
CA GLY A 49 3.34 -47.52 20.48
C GLY A 49 3.82 -48.22 19.21
N ILE A 50 3.57 -47.63 18.06
CA ILE A 50 4.04 -48.22 16.80
C ILE A 50 5.23 -47.40 16.38
N PRO A 51 6.45 -47.94 16.47
CA PRO A 51 7.65 -47.16 16.08
C PRO A 51 7.69 -46.73 14.59
N VAL A 52 8.37 -45.61 14.29
CA VAL A 52 8.68 -45.25 12.96
C VAL A 52 10.18 -45.57 12.74
N ALA A 53 10.40 -46.77 12.23
CA ALA A 53 11.71 -47.43 12.17
C ALA A 53 12.26 -47.52 10.73
N ASP A 54 11.39 -47.63 9.74
CA ASP A 54 11.79 -47.90 8.36
C ASP A 54 11.60 -46.64 7.50
N LEU A 55 12.68 -46.04 7.01
CA LEU A 55 12.64 -44.85 6.20
C LEU A 55 12.95 -45.09 4.71
N SER A 56 12.78 -46.33 4.24
CA SER A 56 12.91 -46.65 2.83
C SER A 56 11.78 -46.04 2.02
N ALA A 57 12.00 -45.87 0.72
CA ALA A 57 10.99 -45.32 -0.14
C ALA A 57 9.76 -46.19 -0.15
N GLU A 58 9.95 -47.51 -0.05
CA GLU A 58 8.86 -48.47 -0.10
C GLU A 58 7.92 -48.30 1.12
N ALA A 59 8.52 -48.17 2.29
CA ALA A 59 7.75 -47.96 3.51
C ALA A 59 7.08 -46.59 3.56
N LEU A 60 7.74 -45.53 3.14
CA LEU A 60 7.17 -44.18 3.26
C LEU A 60 6.06 -44.01 2.23
N PHE A 61 6.25 -44.61 1.06
CA PHE A 61 5.23 -44.55 0.03
C PHE A 61 4.02 -45.35 0.49
N ALA A 62 4.22 -46.54 1.00
CA ALA A 62 3.08 -47.36 1.41
C ALA A 62 2.23 -46.65 2.48
N LYS A 63 2.88 -45.95 3.42
CA LYS A 63 2.14 -45.25 4.47
C LYS A 63 1.52 -43.89 4.00
N LEU A 64 2.36 -42.98 3.53
CA LEU A 64 1.95 -41.62 3.25
C LEU A 64 1.18 -41.43 1.94
N VAL A 65 1.31 -42.36 0.99
CA VAL A 65 0.66 -42.27 -0.32
C VAL A 65 -0.47 -43.28 -0.38
N ASP A 66 -0.18 -44.58 -0.34
CA ASP A 66 -1.19 -45.67 -0.50
C ASP A 66 -2.25 -45.75 0.60
N ARG A 67 -1.90 -45.36 1.81
CA ARG A 67 -2.79 -45.49 2.95
C ARG A 67 -3.35 -44.18 3.45
N ARG A 68 -3.05 -43.04 2.81
CA ARG A 68 -3.71 -41.82 3.25
C ARG A 68 -3.52 -41.53 4.74
N ARG A 69 -2.28 -41.69 5.16
CA ARG A 69 -1.86 -41.30 6.46
C ARG A 69 -0.93 -40.13 6.26
N GLY A 70 -0.66 -39.40 7.31
CA GLY A 70 0.46 -38.48 7.34
C GLY A 70 1.58 -39.09 8.13
N GLY A 71 2.49 -38.26 8.61
CA GLY A 71 3.60 -38.75 9.39
C GLY A 71 4.30 -37.54 9.96
N TYR A 72 5.46 -37.77 10.54
CA TYR A 72 6.23 -36.71 11.12
C TYR A 72 7.49 -36.43 10.27
N CYS A 73 8.48 -35.65 10.73
CA CYS A 73 9.52 -35.13 9.83
C CYS A 73 10.29 -36.14 8.99
N TYR A 74 10.70 -37.27 9.58
CA TYR A 74 11.47 -38.24 8.83
C TYR A 74 10.66 -38.83 7.67
N GLU A 75 9.35 -38.96 7.86
CA GLU A 75 8.48 -39.54 6.86
C GLU A 75 8.20 -38.52 5.76
N HIS A 76 7.93 -37.29 6.12
CA HIS A 76 7.62 -36.25 5.15
C HIS A 76 8.83 -35.93 4.30
N ASN A 77 9.93 -35.59 4.93
CA ASN A 77 11.04 -35.14 4.16
C ASN A 77 11.71 -36.33 3.53
N GLY A 78 11.59 -37.52 4.17
CA GLY A 78 12.03 -38.74 3.56
C GLY A 78 11.30 -38.94 2.25
N LEU A 79 10.00 -38.83 2.27
CA LEU A 79 9.23 -39.13 1.07
C LEU A 79 9.59 -38.09 0.00
N LEU A 80 9.50 -36.81 0.37
CA LEU A 80 9.75 -35.77 -0.54
C LEU A 80 11.20 -35.88 -1.15
N GLY A 81 12.16 -36.31 -0.36
CA GLY A 81 13.49 -36.46 -0.83
C GLY A 81 13.57 -37.51 -1.96
N TYR A 82 12.86 -38.62 -1.81
CA TYR A 82 12.90 -39.63 -2.84
C TYR A 82 12.17 -39.11 -4.06
N VAL A 83 11.07 -38.39 -3.88
CA VAL A 83 10.33 -37.87 -5.04
C VAL A 83 11.19 -36.90 -5.79
N LEU A 84 11.82 -36.01 -5.05
CA LEU A 84 12.62 -34.98 -5.64
C LEU A 84 13.82 -35.60 -6.46
N GLU A 85 14.51 -36.60 -5.98
CA GLU A 85 15.55 -37.29 -6.76
C GLU A 85 14.98 -37.95 -8.01
N GLU A 86 13.79 -38.55 -7.91
CA GLU A 86 13.15 -39.20 -9.04
C GLU A 86 12.84 -38.20 -10.15
N LEU A 87 12.51 -36.97 -9.77
CA LEU A 87 12.26 -35.94 -10.75
C LEU A 87 13.53 -35.30 -11.30
N GLY A 88 14.65 -35.59 -10.70
CA GLY A 88 15.89 -35.03 -11.25
C GLY A 88 16.53 -33.88 -10.50
N PHE A 89 16.13 -33.70 -9.26
CA PHE A 89 16.79 -32.75 -8.35
C PHE A 89 17.90 -33.53 -7.65
N GLU A 90 18.92 -32.88 -7.21
CA GLU A 90 19.92 -33.53 -6.37
C GLU A 90 19.63 -33.20 -4.88
N VAL A 91 19.63 -34.21 -3.99
CA VAL A 91 19.05 -34.06 -2.66
C VAL A 91 19.98 -34.61 -1.63
N GLU A 92 20.23 -33.87 -0.55
CA GLU A 92 21.02 -34.32 0.58
C GLU A 92 20.10 -34.25 1.79
N ARG A 93 20.16 -35.24 2.66
CA ARG A 93 19.34 -35.23 3.87
C ARG A 93 20.21 -34.75 4.99
N LEU A 94 19.68 -33.82 5.75
CA LEU A 94 20.38 -33.15 6.81
C LEU A 94 19.65 -33.41 8.13
N SER A 95 20.36 -33.38 9.22
CA SER A 95 19.70 -33.58 10.52
C SER A 95 19.85 -32.33 11.31
N GLY A 96 18.94 -32.11 12.24
CA GLY A 96 19.07 -30.98 13.12
C GLY A 96 18.41 -31.12 14.49
N ARG A 97 18.54 -30.06 15.26
CA ARG A 97 18.20 -30.02 16.68
C ARG A 97 17.16 -28.95 16.85
N VAL A 98 16.05 -29.30 17.47
CA VAL A 98 14.90 -28.40 17.49
C VAL A 98 15.11 -27.51 18.68
N VAL A 99 15.15 -26.19 18.49
CA VAL A 99 15.38 -25.23 19.57
C VAL A 99 14.13 -24.35 19.85
N TRP A 100 13.02 -24.61 19.15
CA TRP A 100 11.79 -23.81 19.24
C TRP A 100 11.36 -23.59 20.69
N MET A 101 11.39 -22.34 21.12
CA MET A 101 10.96 -21.95 22.47
C MET A 101 11.81 -22.51 23.63
N ARG A 102 13.04 -22.99 23.45
CA ARG A 102 13.82 -23.49 24.58
C ARG A 102 14.50 -22.36 25.32
N ALA A 103 14.61 -22.51 26.63
CA ALA A 103 15.36 -21.56 27.42
C ALA A 103 16.79 -21.39 26.86
N ASP A 104 17.35 -20.20 27.06
CA ASP A 104 18.73 -19.86 26.64
C ASP A 104 19.77 -20.79 27.29
N ASP A 105 19.41 -21.37 28.42
CA ASP A 105 20.33 -22.18 29.20
C ASP A 105 20.07 -23.70 29.13
N ALA A 106 19.09 -24.11 28.33
CA ALA A 106 18.62 -25.49 28.29
C ALA A 106 19.71 -26.38 27.66
N PRO A 107 19.77 -27.66 28.02
CA PRO A 107 20.81 -28.55 27.48
C PRO A 107 20.67 -28.70 25.96
N LEU A 108 21.78 -28.90 25.27
CA LEU A 108 21.75 -29.25 23.86
C LEU A 108 20.65 -30.32 23.52
N PRO A 109 19.73 -30.02 22.59
CA PRO A 109 18.73 -31.00 22.16
C PRO A 109 19.33 -32.16 21.35
N ALA A 110 18.66 -33.29 21.36
CA ALA A 110 18.95 -34.40 20.48
C ALA A 110 18.76 -33.97 18.97
N GLN A 111 19.43 -34.62 18.04
CA GLN A 111 19.14 -34.48 16.61
C GLN A 111 17.83 -35.18 16.30
N THR A 112 16.71 -34.48 16.26
CA THR A 112 15.42 -35.14 16.08
C THR A 112 14.65 -34.63 14.86
N HIS A 113 15.28 -33.80 14.06
CA HIS A 113 14.65 -33.24 12.87
C HIS A 113 15.52 -33.59 11.63
N ASN A 114 14.86 -33.80 10.47
CA ASN A 114 15.50 -34.15 9.21
C ASN A 114 14.95 -33.14 8.16
N VAL A 115 15.79 -32.52 7.37
CA VAL A 115 15.39 -31.55 6.30
C VAL A 115 16.19 -31.86 5.05
N LEU A 116 15.93 -31.19 3.95
CA LEU A 116 16.55 -31.50 2.66
C LEU A 116 17.34 -30.28 2.21
N SER A 117 18.51 -30.54 1.64
CA SER A 117 19.25 -29.55 0.95
C SER A 117 19.25 -29.98 -0.53
N VAL A 118 18.65 -29.17 -1.39
CA VAL A 118 18.34 -29.55 -2.77
C VAL A 118 19.02 -28.64 -3.77
N ALA A 119 19.77 -29.22 -4.72
CA ALA A 119 20.26 -28.55 -5.91
C ALA A 119 19.21 -28.64 -6.99
N VAL A 120 18.90 -27.48 -7.52
CA VAL A 120 17.94 -27.31 -8.56
C VAL A 120 18.61 -27.01 -9.87
N PRO A 121 18.38 -27.83 -10.91
CA PRO A 121 18.91 -27.50 -12.24
C PRO A 121 18.48 -26.11 -12.66
N GLY A 122 19.40 -25.26 -13.11
CA GLY A 122 19.06 -23.90 -13.52
C GLY A 122 19.14 -22.82 -12.45
N ALA A 123 19.42 -23.18 -11.19
CA ALA A 123 19.57 -22.20 -10.11
C ALA A 123 20.89 -22.41 -9.38
N ASP A 124 21.46 -21.31 -8.89
CA ASP A 124 22.77 -21.33 -8.21
C ASP A 124 22.58 -21.83 -6.76
N GLY A 125 23.61 -22.45 -6.19
CA GLY A 125 23.58 -22.85 -4.78
C GLY A 125 22.54 -23.96 -4.51
N ARG A 126 22.13 -24.09 -3.24
CA ARG A 126 21.20 -25.11 -2.77
C ARG A 126 20.01 -24.48 -2.06
N TYR A 127 18.89 -25.22 -2.01
CA TYR A 127 17.62 -24.80 -1.39
C TYR A 127 17.34 -25.65 -0.18
N LEU A 128 16.98 -24.99 0.94
CA LEU A 128 16.48 -25.69 2.10
C LEU A 128 15.00 -26.01 1.81
N VAL A 129 14.61 -27.27 1.98
CA VAL A 129 13.25 -27.78 1.79
C VAL A 129 12.86 -28.56 3.04
N ASP A 130 11.74 -28.21 3.64
CA ASP A 130 11.32 -28.84 4.88
C ASP A 130 9.79 -28.81 4.95
N VAL A 131 9.15 -29.94 4.67
CA VAL A 131 7.69 -30.03 4.73
C VAL A 131 7.25 -30.82 5.96
N GLY A 132 8.19 -31.02 6.89
CA GLY A 132 8.04 -31.98 7.93
C GLY A 132 8.04 -31.42 9.33
N PHE A 133 8.09 -30.10 9.47
CA PHE A 133 8.21 -29.51 10.81
C PHE A 133 6.83 -29.32 11.52
N GLY A 134 5.71 -29.59 10.85
CA GLY A 134 4.42 -29.43 11.45
C GLY A 134 3.78 -28.10 11.10
N GLY A 135 3.07 -27.49 12.06
CA GLY A 135 2.25 -26.37 11.72
C GLY A 135 3.06 -25.15 11.33
N GLN A 136 4.30 -25.05 11.83
CA GLN A 136 5.16 -23.94 11.49
C GLN A 136 6.22 -24.37 10.43
N THR A 137 5.96 -25.42 9.65
CA THR A 137 6.89 -25.83 8.60
C THR A 137 6.98 -24.80 7.46
N LEU A 138 8.15 -24.75 6.80
CA LEU A 138 8.39 -23.96 5.64
C LEU A 138 7.40 -24.27 4.51
N THR A 139 6.89 -23.21 3.88
CA THR A 139 5.88 -23.39 2.83
C THR A 139 6.38 -23.02 1.49
N SER A 140 7.67 -22.70 1.44
CA SER A 140 8.42 -22.47 0.20
C SER A 140 9.78 -23.08 0.42
N PRO A 141 10.45 -23.48 -0.66
CA PRO A 141 11.88 -23.69 -0.55
C PRO A 141 12.50 -22.34 -0.36
N ILE A 142 13.57 -22.25 0.41
CA ILE A 142 14.35 -21.01 0.49
C ILE A 142 15.79 -21.29 0.18
N ARG A 143 16.54 -20.26 -0.21
CA ARG A 143 17.98 -20.46 -0.55
C ARG A 143 18.73 -20.81 0.72
N LEU A 144 19.59 -21.81 0.67
CA LEU A 144 20.33 -22.19 1.83
C LEU A 144 21.54 -21.27 1.89
N GLU A 145 21.30 -20.10 2.44
CA GLU A 145 22.16 -18.94 2.41
C GLU A 145 21.91 -18.20 3.73
N ALA A 146 22.96 -18.05 4.51
CA ALA A 146 22.89 -17.39 5.81
C ALA A 146 22.93 -15.87 5.59
N GLY A 147 22.09 -15.11 6.29
CA GLY A 147 22.05 -13.66 6.30
C GLY A 147 20.67 -13.09 6.00
N PRO A 148 20.21 -13.18 4.76
CA PRO A 148 19.03 -12.43 4.36
C PRO A 148 17.72 -13.00 4.86
N VAL A 149 16.75 -12.12 4.92
CA VAL A 149 15.39 -12.43 5.25
C VAL A 149 14.77 -12.89 3.97
N GLN A 150 14.11 -14.05 3.95
CA GLN A 150 13.49 -14.51 2.72
C GLN A 150 11.99 -14.68 2.90
N GLN A 151 11.28 -14.23 1.89
CA GLN A 151 9.83 -14.38 1.85
C GLN A 151 9.47 -15.78 1.51
N THR A 152 8.35 -16.22 2.05
CA THR A 152 7.75 -17.48 1.69
C THR A 152 6.31 -17.20 1.33
N ARG A 153 5.52 -18.25 1.11
CA ARG A 153 4.07 -18.09 0.87
C ARG A 153 3.28 -17.61 2.08
N HIS A 154 3.91 -17.69 3.25
CA HIS A 154 3.37 -17.20 4.50
C HIS A 154 4.32 -16.14 5.13
N GLU A 155 5.02 -16.45 6.22
CA GLU A 155 5.89 -15.48 6.92
C GLU A 155 7.29 -15.48 6.35
N PRO A 156 8.02 -14.37 6.57
CA PRO A 156 9.46 -14.36 6.36
C PRO A 156 10.18 -15.41 7.20
N TYR A 157 11.22 -16.04 6.67
CA TYR A 157 12.06 -16.93 7.45
C TYR A 157 13.47 -16.41 7.16
N ARG A 158 14.45 -16.81 7.96
CA ARG A 158 15.83 -16.41 7.85
C ARG A 158 16.76 -17.52 8.35
N LEU A 159 17.84 -17.79 7.62
CA LEU A 159 18.91 -18.62 8.05
C LEU A 159 20.04 -17.76 8.58
N THR A 160 20.63 -18.10 9.73
CA THR A 160 21.88 -17.49 10.16
C THR A 160 22.84 -18.59 10.42
N ARG A 161 24.12 -18.24 10.54
CA ARG A 161 25.16 -19.24 10.69
C ARG A 161 26.13 -18.88 11.83
N HIS A 162 26.55 -19.88 12.60
CA HIS A 162 27.57 -19.72 13.62
C HIS A 162 28.28 -21.05 13.71
N GLY A 163 29.54 -21.08 13.26
CA GLY A 163 30.30 -22.31 13.17
C GLY A 163 29.74 -23.14 12.05
N ASP A 164 29.55 -24.43 12.27
CA ASP A 164 28.91 -25.27 11.26
C ASP A 164 27.41 -25.43 11.59
N ASP A 165 26.92 -24.59 12.51
CA ASP A 165 25.48 -24.56 12.77
C ASP A 165 24.74 -23.45 12.08
N HIS A 166 23.77 -23.83 11.26
CA HIS A 166 22.83 -22.92 10.67
C HIS A 166 21.58 -22.92 11.58
N THR A 167 20.99 -21.77 11.87
CA THR A 167 19.71 -21.69 12.53
C THR A 167 18.66 -21.18 11.57
N LEU A 168 17.52 -21.88 11.47
CA LEU A 168 16.33 -21.39 10.77
C LEU A 168 15.37 -20.73 11.76
N ALA A 169 14.95 -19.51 11.45
CA ALA A 169 14.03 -18.73 12.24
C ALA A 169 12.91 -18.28 11.35
N ALA A 170 11.71 -18.18 11.93
CA ALA A 170 10.53 -17.67 11.30
C ALA A 170 10.05 -16.43 12.03
N GLN A 171 9.55 -15.46 11.26
CA GLN A 171 8.98 -14.26 11.81
C GLN A 171 7.53 -14.49 12.08
N VAL A 172 7.20 -14.85 13.34
CA VAL A 172 5.89 -15.39 13.69
C VAL A 172 5.12 -14.31 14.40
N ARG A 173 4.11 -13.77 13.72
CA ARG A 173 3.35 -12.59 14.21
C ARG A 173 4.23 -11.45 14.68
N GLY A 174 5.18 -11.08 13.86
CA GLY A 174 6.07 -9.97 14.18
C GLY A 174 7.31 -10.36 14.95
N GLU A 175 7.34 -11.54 15.57
CA GLU A 175 8.50 -11.89 16.41
C GLU A 175 9.39 -12.98 15.76
N TRP A 176 10.68 -12.74 15.67
CA TRP A 176 11.60 -13.72 15.18
C TRP A 176 11.78 -14.84 16.20
N GLN A 177 11.46 -16.05 15.81
CA GLN A 177 11.62 -17.26 16.62
C GLN A 177 12.56 -18.29 15.96
N PRO A 178 13.68 -18.62 16.60
CA PRO A 178 14.52 -19.74 16.16
C PRO A 178 13.71 -21.06 16.17
N LEU A 179 13.76 -21.85 15.10
CA LEU A 179 13.01 -23.11 15.03
C LEU A 179 13.91 -24.27 15.31
N TYR A 180 14.98 -24.38 14.53
CA TYR A 180 15.93 -25.45 14.71
C TYR A 180 17.28 -25.06 14.14
N THR A 181 18.32 -25.81 14.51
CA THR A 181 19.68 -25.60 14.02
C THR A 181 20.02 -26.85 13.27
N PHE A 182 20.87 -26.75 12.27
CA PHE A 182 21.32 -27.95 11.58
C PHE A 182 22.72 -27.71 11.01
N THR A 183 23.40 -28.78 10.65
CA THR A 183 24.61 -28.67 9.80
C THR A 183 24.30 -29.17 8.40
N THR A 184 25.17 -28.89 7.45
CA THR A 184 24.98 -29.39 6.10
C THR A 184 25.70 -30.72 5.82
N GLU A 185 26.14 -31.44 6.85
CA GLU A 185 26.67 -32.78 6.64
C GLU A 185 25.55 -33.74 6.17
N PRO A 186 25.69 -34.32 4.98
CA PRO A 186 24.63 -35.22 4.46
C PRO A 186 24.56 -36.50 5.32
N ARG A 187 23.37 -36.97 5.62
CA ARG A 187 23.18 -38.10 6.49
C ARG A 187 22.77 -39.30 5.66
N PRO A 188 23.39 -40.45 5.89
CA PRO A 188 22.87 -41.71 5.34
C PRO A 188 21.51 -42.10 5.96
N ARG A 189 20.75 -42.88 5.23
CA ARG A 189 19.44 -43.36 5.74
C ARG A 189 19.52 -43.94 7.16
N ILE A 190 20.52 -44.78 7.43
CA ILE A 190 20.58 -45.46 8.74
C ILE A 190 20.77 -44.48 9.92
N ASP A 191 21.43 -43.35 9.72
CA ASP A 191 21.50 -42.37 10.77
C ASP A 191 20.16 -41.71 11.02
N LEU A 192 19.38 -41.54 9.96
CA LEU A 192 18.05 -40.97 10.10
C LEU A 192 17.15 -41.97 10.85
N GLU A 193 17.27 -43.24 10.49
CA GLU A 193 16.52 -44.29 11.13
C GLU A 193 16.77 -44.42 12.63
N VAL A 194 18.01 -44.27 13.05
CA VAL A 194 18.33 -44.24 14.47
C VAL A 194 17.69 -43.08 15.17
N GLY A 195 17.75 -41.88 14.58
CA GLY A 195 17.03 -40.75 15.07
C GLY A 195 15.50 -40.99 15.15
N SER A 196 14.89 -41.51 14.10
CA SER A 196 13.45 -41.71 14.08
C SER A 196 13.05 -42.75 15.15
N TRP A 197 13.88 -43.79 15.34
CA TRP A 197 13.67 -44.74 16.44
C TRP A 197 13.54 -44.04 17.79
N TYR A 198 14.44 -43.12 18.07
CA TYR A 198 14.44 -42.35 19.28
C TYR A 198 13.17 -41.50 19.40
N VAL A 199 12.87 -40.73 18.36
CA VAL A 199 11.76 -39.80 18.43
C VAL A 199 10.43 -40.58 18.57
N SER A 200 10.34 -41.76 18.00
CA SER A 200 9.06 -42.51 17.99
C SER A 200 8.93 -43.54 19.13
N THR A 201 9.98 -43.75 19.95
CA THR A 201 9.94 -44.72 21.03
C THR A 201 10.44 -44.24 22.39
N HIS A 202 11.19 -43.18 22.49
CA HIS A 202 11.68 -42.74 23.78
C HIS A 202 10.54 -42.16 24.62
N PRO A 203 10.35 -42.65 25.85
CA PRO A 203 9.18 -42.26 26.65
C PRO A 203 9.08 -40.81 26.97
N GLY A 204 10.16 -40.04 26.89
CA GLY A 204 10.07 -38.59 27.01
C GLY A 204 9.89 -37.83 25.67
N SER A 205 9.87 -38.50 24.52
CA SER A 205 9.60 -37.80 23.27
C SER A 205 8.20 -37.14 23.27
N HIS A 206 8.19 -35.91 22.82
CA HIS A 206 7.00 -35.14 22.54
C HIS A 206 5.98 -35.91 21.66
N PHE A 207 6.50 -36.72 20.75
CA PHE A 207 5.67 -37.50 19.84
C PHE A 207 5.21 -38.87 20.38
N VAL A 208 5.69 -39.22 21.57
CA VAL A 208 5.25 -40.39 22.31
C VAL A 208 4.21 -40.00 23.40
N THR A 209 4.31 -38.82 24.00
CA THR A 209 3.52 -38.50 25.18
C THR A 209 2.28 -37.70 24.81
N GLY A 210 2.10 -37.38 23.54
CA GLY A 210 0.91 -36.66 23.11
C GLY A 210 0.64 -36.72 21.62
N LEU A 211 -0.38 -36.01 21.18
CA LEU A 211 -0.89 -36.08 19.82
C LEU A 211 -0.64 -34.76 19.17
N THR A 212 0.00 -34.78 18.00
CA THR A 212 0.24 -33.60 17.20
C THR A 212 -0.22 -33.88 15.79
N VAL A 213 -1.08 -32.98 15.24
CA VAL A 213 -1.58 -33.10 13.90
C VAL A 213 -1.54 -31.69 13.26
N ALA A 214 -1.04 -31.61 12.03
CA ALA A 214 -0.94 -30.29 11.39
C ALA A 214 -1.10 -30.39 9.91
N VAL A 215 -1.51 -29.28 9.32
CA VAL A 215 -1.61 -29.13 7.88
C VAL A 215 -1.53 -27.64 7.56
N VAL A 216 -0.98 -27.26 6.38
CA VAL A 216 -0.86 -25.84 6.04
C VAL A 216 -1.45 -25.59 4.65
N THR A 217 -2.48 -24.78 4.60
CA THR A 217 -3.06 -24.30 3.33
C THR A 217 -2.54 -22.93 2.93
N ASP A 218 -3.00 -22.46 1.79
CA ASP A 218 -2.68 -21.13 1.34
C ASP A 218 -3.03 -20.15 2.42
N ASP A 219 -4.17 -20.32 3.07
CA ASP A 219 -4.64 -19.29 3.95
C ASP A 219 -4.38 -19.50 5.45
N ALA A 220 -3.97 -20.68 5.85
CA ALA A 220 -3.91 -21.00 7.26
C ALA A 220 -2.90 -22.08 7.59
N ARG A 221 -2.33 -21.92 8.76
CA ARG A 221 -1.61 -23.02 9.43
C ARG A 221 -2.47 -23.67 10.49
N TYR A 222 -2.68 -24.99 10.40
CA TYR A 222 -3.46 -25.69 11.40
C TYR A 222 -2.60 -26.51 12.26
N ASN A 223 -2.78 -26.42 13.59
CA ASN A 223 -1.93 -27.15 14.51
C ASN A 223 -2.72 -27.68 15.66
N LEU A 224 -2.82 -29.01 15.75
CA LEU A 224 -3.53 -29.71 16.79
C LEU A 224 -2.55 -30.35 17.74
N ARG A 225 -2.68 -30.02 19.03
CA ARG A 225 -1.99 -30.71 20.11
C ARG A 225 -3.04 -31.15 21.13
N GLY A 226 -3.17 -32.47 21.27
CA GLY A 226 -4.22 -32.97 22.13
C GLY A 226 -5.60 -32.44 21.79
N ARG A 227 -6.30 -31.83 22.73
CA ARG A 227 -7.64 -31.30 22.44
C ARG A 227 -7.64 -29.90 21.82
N ASN A 228 -6.50 -29.23 21.81
CA ASN A 228 -6.43 -27.84 21.35
C ASN A 228 -6.01 -27.74 19.88
N LEU A 229 -6.89 -27.21 19.03
CA LEU A 229 -6.59 -26.90 17.67
C LEU A 229 -6.36 -25.42 17.54
N ALA A 230 -5.17 -25.01 17.16
CA ALA A 230 -4.87 -23.62 16.81
C ALA A 230 -4.81 -23.42 15.28
N VAL A 231 -5.45 -22.38 14.76
CA VAL A 231 -5.46 -22.02 13.33
C VAL A 231 -4.92 -20.57 13.25
N HIS A 232 -3.82 -20.37 12.58
CA HIS A 232 -3.28 -19.02 12.41
C HIS A 232 -3.64 -18.62 10.98
N ARG A 233 -4.43 -17.58 10.81
CA ARG A 233 -4.76 -17.00 9.52
C ARG A 233 -4.29 -15.55 9.47
N SER A 234 -4.40 -14.89 8.33
CA SER A 234 -3.95 -13.50 8.25
C SER A 234 -5.00 -12.69 9.00
N GLY A 235 -4.60 -12.03 10.07
CA GLY A 235 -5.54 -11.14 10.75
C GLY A 235 -6.27 -11.70 11.98
N ALA A 236 -6.16 -13.03 12.20
CA ALA A 236 -6.80 -13.69 13.30
C ALA A 236 -6.13 -15.04 13.66
N THR A 237 -6.19 -15.38 14.92
CA THR A 237 -5.98 -16.74 15.38
C THR A 237 -7.23 -17.37 15.94
N GLU A 238 -7.47 -18.63 15.61
CA GLU A 238 -8.54 -19.39 16.23
C GLU A 238 -7.98 -20.49 17.14
N HIS A 239 -8.66 -20.69 18.26
CA HIS A 239 -8.33 -21.73 19.22
C HIS A 239 -9.61 -22.53 19.38
N ILE A 240 -9.60 -23.79 18.93
CA ILE A 240 -10.76 -24.64 19.13
C ILE A 240 -10.35 -25.65 20.21
N ARG A 241 -11.18 -25.75 21.26
CA ARG A 241 -10.94 -26.71 22.35
C ARG A 241 -11.99 -27.79 22.26
N PHE A 242 -11.56 -28.97 21.90
CA PHE A 242 -12.49 -30.11 21.84
C PHE A 242 -12.83 -30.64 23.24
N ASP A 243 -14.09 -31.06 23.41
CA ASP A 243 -14.57 -31.49 24.73
C ASP A 243 -13.92 -32.80 25.11
N SER A 244 -13.75 -33.67 24.14
CA SER A 244 -13.22 -35.01 24.44
C SER A 244 -12.53 -35.64 23.24
N ALA A 245 -12.02 -36.85 23.42
CA ALA A 245 -11.35 -37.56 22.36
C ALA A 245 -12.28 -37.88 21.20
N ALA A 246 -13.58 -38.01 21.44
CA ALA A 246 -14.52 -38.28 20.34
C ALA A 246 -14.49 -37.13 19.33
N GLN A 247 -14.49 -35.90 19.80
CA GLN A 247 -14.43 -34.77 18.85
C GLN A 247 -13.04 -34.67 18.19
N VAL A 248 -12.02 -35.05 18.92
CA VAL A 248 -10.61 -35.01 18.41
C VAL A 248 -10.49 -36.02 17.24
N LEU A 249 -10.95 -37.25 17.44
CA LEU A 249 -10.99 -38.22 16.35
C LEU A 249 -11.79 -37.75 15.15
N ASP A 250 -12.94 -37.13 15.39
CA ASP A 250 -13.75 -36.58 14.29
C ASP A 250 -12.95 -35.55 13.48
N ALA A 251 -12.19 -34.72 14.17
CA ALA A 251 -11.31 -33.76 13.49
C ALA A 251 -10.23 -34.51 12.69
N ILE A 252 -9.63 -35.54 13.28
CA ILE A 252 -8.54 -36.25 12.62
C ILE A 252 -9.02 -36.84 11.31
N VAL A 253 -10.17 -37.52 11.38
CA VAL A 253 -10.77 -38.13 10.22
C VAL A 253 -11.37 -37.13 9.25
N ASN A 254 -12.20 -36.18 9.71
CA ASN A 254 -12.99 -35.40 8.75
C ASN A 254 -12.41 -34.05 8.40
N ARG A 255 -11.69 -33.42 9.31
CA ARG A 255 -11.00 -32.19 9.03
C ARG A 255 -9.60 -32.43 8.45
N PHE A 256 -8.81 -33.32 9.03
CA PHE A 256 -7.48 -33.56 8.50
C PHE A 256 -7.41 -34.70 7.45
N GLY A 257 -8.48 -35.43 7.22
CA GLY A 257 -8.53 -36.39 6.13
C GLY A 257 -7.69 -37.60 6.42
N ILE A 258 -7.44 -37.92 7.67
CA ILE A 258 -6.56 -39.07 7.94
C ILE A 258 -7.44 -40.33 8.05
N ASP A 259 -7.06 -41.42 7.37
CA ASP A 259 -7.79 -42.68 7.41
C ASP A 259 -7.35 -43.54 8.60
N LEU A 260 -8.21 -43.70 9.57
CA LEU A 260 -7.97 -44.47 10.78
C LEU A 260 -8.31 -45.94 10.61
N GLY A 261 -9.17 -46.30 9.65
CA GLY A 261 -9.42 -47.70 9.31
C GLY A 261 -8.12 -48.47 9.24
N ASP A 262 -7.07 -47.71 8.95
CA ASP A 262 -5.72 -48.27 8.89
C ASP A 262 -5.17 -48.83 10.21
N LEU A 263 -5.66 -48.26 11.31
CA LEU A 263 -5.22 -48.58 12.67
C LEU A 263 -6.28 -49.37 13.41
N ALA A 264 -7.05 -50.18 12.67
CA ALA A 264 -8.16 -50.93 13.30
C ALA A 264 -7.59 -51.96 14.28
N GLY A 265 -8.34 -52.14 15.37
CA GLY A 265 -7.93 -53.04 16.44
C GLY A 265 -7.03 -52.42 17.49
N ARG A 266 -6.74 -51.11 17.40
CA ARG A 266 -5.81 -50.47 18.35
C ARG A 266 -6.47 -49.52 19.41
N ASP A 267 -7.74 -49.28 19.24
CA ASP A 267 -8.43 -48.31 20.08
C ASP A 267 -7.72 -46.95 20.18
N VAL A 268 -7.73 -46.30 19.04
CA VAL A 268 -7.24 -44.94 18.91
C VAL A 268 -7.92 -44.04 19.93
N GLN A 269 -9.24 -44.16 20.10
CA GLN A 269 -9.94 -43.18 20.93
C GLN A 269 -9.52 -43.28 22.38
N ALA A 270 -9.35 -44.51 22.86
CA ALA A 270 -8.95 -44.66 24.24
C ALA A 270 -7.57 -44.06 24.47
N ARG A 271 -6.66 -44.21 23.51
CA ARG A 271 -5.32 -43.58 23.69
C ARG A 271 -5.34 -42.05 23.57
N VAL A 272 -6.11 -41.52 22.63
CA VAL A 272 -6.22 -40.06 22.51
C VAL A 272 -6.88 -39.53 23.81
N ALA A 273 -7.82 -40.28 24.39
CA ALA A 273 -8.48 -39.84 25.65
C ALA A 273 -7.50 -39.66 26.80
N GLU A 274 -6.35 -40.36 26.76
CA GLU A 274 -5.27 -40.16 27.71
C GLU A 274 -4.37 -38.97 27.52
N VAL A 275 -4.37 -38.31 26.39
CA VAL A 275 -3.39 -37.28 26.10
C VAL A 275 -4.01 -35.94 25.69
N LEU A 276 -5.25 -35.68 26.12
CA LEU A 276 -5.93 -34.50 25.69
C LEU A 276 -5.17 -33.28 26.17
N ASP A 277 -4.53 -33.42 27.32
CA ASP A 277 -3.86 -32.28 27.95
C ASP A 277 -2.32 -32.36 28.11
N THR A 278 -1.69 -33.28 27.37
CA THR A 278 -0.23 -33.44 27.38
C THR A 278 0.44 -33.03 26.05
N GLY B 10 -41.74 -4.65 7.33
CA GLY B 10 -40.30 -4.55 7.44
C GLY B 10 -39.79 -5.51 8.50
N TYR B 11 -40.47 -5.57 9.64
CA TYR B 11 -39.97 -6.46 10.68
C TYR B 11 -39.96 -7.94 10.21
N LEU B 12 -41.08 -8.42 9.67
CA LEU B 12 -41.22 -9.81 9.25
C LEU B 12 -40.18 -10.16 8.20
N THR B 13 -39.98 -9.27 7.26
CA THR B 13 -38.94 -9.39 6.27
C THR B 13 -37.54 -9.39 6.87
N ARG B 14 -37.31 -8.45 7.80
CA ARG B 14 -36.06 -8.42 8.54
C ARG B 14 -35.74 -9.77 9.14
N ILE B 15 -36.73 -10.46 9.65
CA ILE B 15 -36.45 -11.72 10.31
C ILE B 15 -36.70 -12.92 9.43
N GLY B 16 -37.13 -12.68 8.19
CA GLY B 16 -37.19 -13.70 7.15
C GLY B 16 -38.46 -14.53 7.20
N LEU B 17 -39.54 -13.93 7.71
CA LEU B 17 -40.85 -14.54 7.71
C LEU B 17 -41.73 -13.86 6.64
N ASP B 18 -42.86 -14.50 6.30
CA ASP B 18 -43.61 -14.13 5.10
C ASP B 18 -44.93 -13.35 5.09
N GLY B 19 -45.67 -13.21 6.09
CA GLY B 19 -46.84 -12.40 5.79
C GLY B 19 -47.22 -11.83 7.10
N ARG B 20 -48.38 -12.18 7.55
CA ARG B 20 -48.73 -11.85 8.89
C ARG B 20 -49.11 -13.18 9.53
N PRO B 21 -48.37 -13.58 10.54
CA PRO B 21 -48.75 -14.77 11.31
C PRO B 21 -49.82 -14.59 12.38
N ARG B 22 -50.43 -15.69 12.73
CA ARG B 22 -51.55 -15.70 13.65
C ARG B 22 -51.00 -15.64 15.08
N PRO B 23 -51.75 -15.00 15.96
CA PRO B 23 -51.34 -14.90 17.37
C PRO B 23 -51.49 -16.21 18.17
N ASP B 24 -50.66 -17.18 17.88
CA ASP B 24 -50.70 -18.38 18.68
C ASP B 24 -49.30 -18.85 19.11
N LEU B 25 -49.24 -19.91 19.93
CA LEU B 25 -48.01 -20.38 20.53
C LEU B 25 -46.96 -20.79 19.51
N GLY B 26 -47.39 -21.43 18.43
CA GLY B 26 -46.47 -21.79 17.35
C GLY B 26 -45.80 -20.58 16.73
N THR B 27 -46.54 -19.49 16.59
CA THR B 27 -46.04 -18.26 16.01
C THR B 27 -44.95 -17.65 16.90
N LEU B 28 -45.17 -17.68 18.20
CA LEU B 28 -44.22 -17.22 19.17
C LEU B 28 -42.89 -17.96 19.07
N HIS B 29 -42.96 -19.29 18.96
CA HIS B 29 -41.77 -20.13 18.72
C HIS B 29 -41.08 -19.73 17.43
N ALA B 30 -41.87 -19.51 16.37
CA ALA B 30 -41.27 -19.17 15.06
C ALA B 30 -40.64 -17.79 15.03
N ILE B 31 -41.27 -16.80 15.65
CA ILE B 31 -40.71 -15.42 15.64
C ILE B 31 -39.45 -15.35 16.49
N VAL B 32 -39.44 -16.02 17.65
CA VAL B 32 -38.28 -16.07 18.51
C VAL B 32 -37.08 -16.63 17.73
N ALA B 33 -37.28 -17.76 17.04
CA ALA B 33 -36.20 -18.40 16.31
C ALA B 33 -35.62 -17.49 15.28
N ALA B 34 -36.49 -16.86 14.51
CA ALA B 34 -36.10 -16.06 13.38
C ALA B 34 -35.47 -14.76 13.84
N HIS B 35 -36.08 -14.11 14.85
CA HIS B 35 -35.46 -12.95 15.56
C HIS B 35 -34.04 -13.32 16.01
N ASN B 36 -33.89 -14.42 16.75
CA ASN B 36 -32.62 -14.91 17.25
C ASN B 36 -31.48 -14.87 16.21
N ARG B 37 -31.76 -15.34 14.99
CA ARG B 37 -30.70 -15.52 13.99
C ARG B 37 -30.56 -14.30 13.10
N SER B 38 -31.52 -13.40 13.18
CA SER B 38 -31.58 -12.31 12.23
C SER B 38 -31.19 -10.92 12.77
N ILE B 39 -31.44 -10.63 14.06
CA ILE B 39 -31.11 -9.30 14.59
C ILE B 39 -30.09 -9.55 15.69
N PRO B 40 -28.89 -9.11 15.45
CA PRO B 40 -27.80 -9.30 16.39
C PRO B 40 -27.93 -8.40 17.66
N PHE B 41 -27.36 -8.88 18.75
CA PHE B 41 -27.16 -8.08 19.91
C PHE B 41 -25.91 -7.25 19.60
N GLU B 42 -25.98 -5.93 19.82
CA GLU B 42 -24.78 -5.05 19.74
C GLU B 42 -25.01 -3.83 20.63
N ASN B 43 -23.90 -3.23 21.09
CA ASN B 43 -23.93 -1.99 21.84
C ASN B 43 -23.13 -0.90 21.21
N LEU B 44 -23.05 -0.88 19.89
CA LEU B 44 -22.29 0.17 19.25
C LEU B 44 -22.73 1.59 19.58
N ASP B 45 -24.02 1.82 19.80
CA ASP B 45 -24.40 3.22 20.17
C ASP B 45 -23.79 3.63 21.52
N PRO B 46 -24.03 2.91 22.62
CA PRO B 46 -23.38 3.29 23.88
C PRO B 46 -21.84 3.32 23.84
N LEU B 47 -21.24 2.37 23.13
CA LEU B 47 -19.82 2.34 22.95
C LEU B 47 -19.31 3.67 22.37
N LEU B 48 -20.05 4.26 21.44
CA LEU B 48 -19.70 5.55 20.85
C LEU B 48 -20.26 6.76 21.59
N GLY B 49 -20.81 6.61 22.78
CA GLY B 49 -21.40 7.76 23.49
C GLY B 49 -22.80 8.15 23.00
N ILE B 50 -23.54 7.22 22.41
CA ILE B 50 -24.88 7.50 21.96
C ILE B 50 -25.84 6.75 22.86
N PRO B 51 -26.52 7.47 23.75
CA PRO B 51 -27.45 6.81 24.68
C PRO B 51 -28.56 6.06 23.93
N VAL B 52 -29.08 4.99 24.57
CA VAL B 52 -30.31 4.36 24.17
C VAL B 52 -31.36 4.91 25.16
N ALA B 53 -31.97 6.00 24.75
CA ALA B 53 -32.88 6.78 25.57
C ALA B 53 -34.36 6.64 25.19
N ASP B 54 -34.64 6.42 23.91
CA ASP B 54 -35.99 6.40 23.38
C ASP B 54 -36.42 4.91 23.04
N LEU B 55 -37.40 4.39 23.76
CA LEU B 55 -37.82 3.01 23.62
C LEU B 55 -39.21 2.92 22.99
N SER B 56 -39.60 4.02 22.31
CA SER B 56 -40.80 4.08 21.52
C SER B 56 -40.72 3.11 20.32
N ALA B 57 -41.90 2.76 19.80
CA ALA B 57 -41.97 1.91 18.60
C ALA B 57 -41.29 2.54 17.42
N GLU B 58 -41.54 3.80 17.24
CA GLU B 58 -40.91 4.54 16.15
C GLU B 58 -39.39 4.46 16.19
N ALA B 59 -38.79 4.69 17.37
CA ALA B 59 -37.35 4.67 17.48
C ALA B 59 -36.79 3.25 17.25
N LEU B 60 -37.47 2.23 17.75
CA LEU B 60 -36.94 0.88 17.71
C LEU B 60 -37.04 0.22 16.31
N PHE B 61 -38.19 0.36 15.69
CA PHE B 61 -38.42 -0.02 14.29
C PHE B 61 -37.42 0.71 13.42
N ALA B 62 -37.32 2.03 13.57
CA ALA B 62 -36.34 2.76 12.76
C ALA B 62 -34.93 2.16 12.85
N LYS B 63 -34.47 1.79 14.06
CA LYS B 63 -33.10 1.40 14.24
C LYS B 63 -32.90 -0.07 13.89
N LEU B 64 -33.65 -0.93 14.54
CA LEU B 64 -33.42 -2.34 14.40
C LEU B 64 -33.98 -2.91 13.04
N VAL B 65 -35.01 -2.32 12.49
CA VAL B 65 -35.54 -2.76 11.18
C VAL B 65 -34.97 -1.94 10.04
N ASP B 66 -35.38 -0.68 9.96
CA ASP B 66 -35.07 0.13 8.78
C ASP B 66 -33.59 0.38 8.57
N ARG B 67 -32.81 0.54 9.63
CA ARG B 67 -31.42 0.88 9.44
C ARG B 67 -30.54 -0.35 9.53
N ARG B 68 -31.13 -1.52 9.83
CA ARG B 68 -30.36 -2.78 9.90
C ARG B 68 -29.23 -2.78 10.95
N ARG B 69 -29.53 -2.24 12.12
CA ARG B 69 -28.65 -2.30 13.27
C ARG B 69 -29.20 -3.39 14.17
N GLY B 70 -28.45 -3.77 15.18
CA GLY B 70 -29.00 -4.55 16.27
C GLY B 70 -29.18 -3.62 17.48
N GLY B 71 -29.19 -4.18 18.67
CA GLY B 71 -29.37 -3.41 19.89
C GLY B 71 -29.15 -4.27 21.07
N TYR B 72 -29.41 -3.76 22.26
CA TYR B 72 -29.32 -4.59 23.42
C TYR B 72 -30.70 -4.91 23.97
N CYS B 73 -30.83 -5.36 25.24
CA CYS B 73 -32.11 -5.94 25.69
C CYS B 73 -33.35 -5.06 25.54
N TYR B 74 -33.26 -3.80 25.94
CA TYR B 74 -34.38 -2.89 25.89
C TYR B 74 -34.78 -2.63 24.44
N GLU B 75 -33.84 -2.71 23.53
CA GLU B 75 -34.10 -2.51 22.09
C GLU B 75 -34.75 -3.77 21.49
N HIS B 76 -34.22 -4.94 21.83
CA HIS B 76 -34.73 -6.21 21.27
C HIS B 76 -36.09 -6.56 21.77
N ASN B 77 -36.18 -6.70 23.09
CA ASN B 77 -37.43 -6.99 23.70
C ASN B 77 -38.50 -5.89 23.57
N GLY B 78 -38.07 -4.63 23.50
CA GLY B 78 -38.92 -3.50 23.17
C GLY B 78 -39.61 -3.69 21.83
N LEU B 79 -38.80 -4.00 20.84
CA LEU B 79 -39.24 -4.15 19.47
C LEU B 79 -40.17 -5.36 19.37
N LEU B 80 -39.71 -6.50 19.89
CA LEU B 80 -40.56 -7.69 19.88
C LEU B 80 -41.84 -7.47 20.64
N GLY B 81 -41.78 -6.75 21.75
CA GLY B 81 -43.00 -6.39 22.45
C GLY B 81 -44.06 -5.74 21.55
N TYR B 82 -43.66 -4.70 20.83
CA TYR B 82 -44.57 -3.98 19.95
C TYR B 82 -45.04 -4.86 18.82
N VAL B 83 -44.14 -5.66 18.25
CA VAL B 83 -44.49 -6.60 17.18
C VAL B 83 -45.57 -7.56 17.69
N LEU B 84 -45.34 -8.16 18.85
CA LEU B 84 -46.28 -9.17 19.31
C LEU B 84 -47.63 -8.57 19.67
N GLU B 85 -47.64 -7.38 20.29
CA GLU B 85 -48.90 -6.68 20.55
C GLU B 85 -49.73 -6.44 19.28
N GLU B 86 -49.07 -6.02 18.23
CA GLU B 86 -49.73 -5.68 16.98
C GLU B 86 -50.30 -6.96 16.28
N LEU B 87 -49.65 -8.11 16.52
CA LEU B 87 -50.17 -9.40 16.02
C LEU B 87 -51.39 -9.89 16.82
N GLY B 88 -51.62 -9.37 18.03
CA GLY B 88 -52.70 -9.79 18.89
C GLY B 88 -52.35 -10.53 20.17
N PHE B 89 -51.05 -10.72 20.48
CA PHE B 89 -50.69 -11.24 21.82
C PHE B 89 -50.95 -10.20 22.93
N GLU B 90 -51.14 -10.62 24.17
CA GLU B 90 -51.07 -9.64 25.27
C GLU B 90 -49.64 -9.60 25.84
N VAL B 91 -49.04 -8.41 25.96
CA VAL B 91 -47.63 -8.31 26.35
C VAL B 91 -47.40 -7.41 27.56
N GLU B 92 -46.77 -7.93 28.59
CA GLU B 92 -46.32 -7.07 29.69
C GLU B 92 -44.78 -7.04 29.65
N ARG B 93 -44.21 -5.86 29.83
CA ARG B 93 -42.76 -5.66 29.94
C ARG B 93 -42.30 -5.75 31.39
N LEU B 94 -41.33 -6.61 31.62
CA LEU B 94 -40.85 -6.92 32.93
C LEU B 94 -39.41 -6.45 33.01
N SER B 95 -38.95 -6.19 34.22
CA SER B 95 -37.53 -5.79 34.43
C SER B 95 -36.88 -6.77 35.35
N GLY B 96 -35.58 -7.02 35.16
CA GLY B 96 -34.85 -7.84 36.08
C GLY B 96 -33.39 -7.44 36.32
N ARG B 97 -32.76 -8.23 37.19
CA ARG B 97 -31.41 -8.04 37.67
C ARG B 97 -30.58 -9.23 37.22
N VAL B 98 -29.43 -8.94 36.59
CA VAL B 98 -28.54 -9.97 36.04
C VAL B 98 -27.60 -10.49 37.12
N VAL B 99 -27.70 -11.79 37.39
CA VAL B 99 -26.94 -12.41 38.45
C VAL B 99 -25.92 -13.35 37.83
N TRP B 100 -25.74 -13.31 36.53
CA TRP B 100 -24.91 -14.30 35.85
C TRP B 100 -23.45 -14.27 36.35
N MET B 101 -22.94 -15.40 36.79
CA MET B 101 -21.51 -15.55 37.13
C MET B 101 -21.13 -14.61 38.26
N ARG B 102 -22.10 -14.09 39.00
CA ARG B 102 -21.82 -13.17 40.09
C ARG B 102 -21.46 -13.93 41.35
N ALA B 103 -20.50 -13.40 42.11
CA ALA B 103 -20.08 -14.07 43.35
C ALA B 103 -21.30 -14.11 44.22
N ASP B 104 -21.48 -15.19 44.97
CA ASP B 104 -22.49 -15.15 46.03
C ASP B 104 -22.06 -14.02 46.99
N ASP B 105 -23.01 -13.38 47.66
CA ASP B 105 -22.67 -12.20 48.50
C ASP B 105 -22.08 -10.96 47.72
N ALA B 106 -22.17 -10.97 46.39
CA ALA B 106 -22.00 -9.74 45.59
C ALA B 106 -23.19 -8.81 45.90
N PRO B 107 -23.03 -7.49 45.81
CA PRO B 107 -24.18 -6.63 46.03
C PRO B 107 -25.32 -6.92 45.01
N LEU B 108 -26.56 -6.67 45.45
CA LEU B 108 -27.76 -6.67 44.61
C LEU B 108 -27.46 -5.88 43.34
N PRO B 109 -27.60 -6.48 42.18
CA PRO B 109 -27.43 -5.78 40.90
C PRO B 109 -28.57 -4.82 40.61
N ALA B 110 -28.30 -3.83 39.78
CA ALA B 110 -29.30 -2.96 39.30
C ALA B 110 -30.28 -3.71 38.35
N GLN B 111 -31.47 -3.15 38.18
CA GLN B 111 -32.42 -3.63 37.16
C GLN B 111 -31.96 -3.14 35.83
N THR B 112 -31.22 -3.98 35.12
CA THR B 112 -30.63 -3.64 33.86
C THR B 112 -31.15 -4.51 32.73
N HIS B 113 -32.07 -5.46 33.01
CA HIS B 113 -32.57 -6.34 31.94
C HIS B 113 -34.09 -6.16 31.82
N ASN B 114 -34.59 -6.29 30.58
CA ASN B 114 -35.99 -6.15 30.22
C ASN B 114 -36.38 -7.39 29.40
N VAL B 115 -37.42 -8.07 29.83
CA VAL B 115 -37.94 -9.26 29.19
C VAL B 115 -39.47 -9.08 29.01
N LEU B 116 -40.09 -10.02 28.33
CA LEU B 116 -41.54 -9.97 28.06
C LEU B 116 -42.26 -11.12 28.74
N SER B 117 -43.44 -10.81 29.30
CA SER B 117 -44.42 -11.81 29.69
C SER B 117 -45.59 -11.72 28.74
N VAL B 118 -45.82 -12.81 28.03
CA VAL B 118 -46.71 -12.83 26.87
C VAL B 118 -47.86 -13.83 27.07
N ALA B 119 -49.05 -13.33 26.77
CA ALA B 119 -50.24 -14.16 26.82
C ALA B 119 -50.73 -14.34 25.38
N VAL B 120 -51.16 -15.54 25.12
CA VAL B 120 -51.33 -16.03 23.75
C VAL B 120 -52.74 -16.51 23.63
N PRO B 121 -53.65 -15.89 22.85
CA PRO B 121 -54.97 -16.53 22.62
C PRO B 121 -54.85 -18.07 22.27
N GLY B 122 -55.67 -18.94 22.90
CA GLY B 122 -55.55 -20.41 22.72
C GLY B 122 -54.68 -21.18 23.74
N ALA B 123 -53.75 -20.44 24.38
CA ALA B 123 -53.01 -20.84 25.61
C ALA B 123 -53.61 -20.22 26.90
N ASP B 124 -53.25 -20.80 28.06
CA ASP B 124 -53.95 -20.55 29.33
C ASP B 124 -53.17 -19.61 30.29
N GLY B 125 -51.87 -19.80 30.38
CA GLY B 125 -51.01 -18.98 31.24
C GLY B 125 -50.16 -17.97 30.46
N ARG B 126 -48.96 -17.72 30.93
CA ARG B 126 -48.11 -16.72 30.32
C ARG B 126 -46.77 -17.39 29.93
N TYR B 127 -46.10 -16.75 29.00
CA TYR B 127 -44.81 -17.11 28.48
C TYR B 127 -43.75 -16.02 28.72
N LEU B 128 -42.59 -16.46 29.22
CA LEU B 128 -41.42 -15.62 29.28
C LEU B 128 -40.84 -15.62 27.89
N VAL B 129 -40.70 -14.45 27.33
CA VAL B 129 -40.02 -14.28 26.07
C VAL B 129 -38.84 -13.31 26.28
N ASP B 130 -37.68 -13.76 25.89
CA ASP B 130 -36.47 -12.92 26.03
C ASP B 130 -35.54 -13.15 24.90
N VAL B 131 -35.50 -12.23 23.93
CA VAL B 131 -34.56 -12.33 22.85
C VAL B 131 -33.44 -11.32 22.95
N GLY B 132 -33.29 -10.71 24.12
CA GLY B 132 -32.33 -9.61 24.20
C GLY B 132 -31.22 -9.84 25.18
N PHE B 133 -31.00 -11.05 25.62
CA PHE B 133 -30.01 -11.28 26.65
C PHE B 133 -28.61 -11.48 26.03
N GLY B 134 -28.47 -11.44 24.72
CA GLY B 134 -27.17 -11.62 24.10
C GLY B 134 -26.89 -13.11 23.80
N GLY B 135 -25.65 -13.50 24.01
CA GLY B 135 -25.19 -14.76 23.52
C GLY B 135 -25.83 -15.95 24.18
N GLN B 136 -26.23 -15.83 25.44
CA GLN B 136 -27.01 -16.84 26.18
C GLN B 136 -28.53 -16.59 26.24
N THR B 137 -29.04 -15.79 25.35
CA THR B 137 -30.47 -15.51 25.41
C THR B 137 -31.36 -16.79 25.13
N LEU B 138 -32.58 -16.76 25.63
CA LEU B 138 -33.54 -17.86 25.40
C LEU B 138 -33.80 -17.97 23.90
N THR B 139 -33.89 -19.20 23.38
CA THR B 139 -34.13 -19.33 21.94
C THR B 139 -35.48 -19.97 21.67
N SER B 140 -36.25 -20.06 22.73
CA SER B 140 -37.65 -20.43 22.69
C SER B 140 -38.41 -19.59 23.71
N PRO B 141 -39.69 -19.35 23.49
CA PRO B 141 -40.51 -18.92 24.64
C PRO B 141 -40.57 -20.10 25.61
N ILE B 142 -40.66 -19.85 26.90
CA ILE B 142 -40.90 -20.88 27.85
C ILE B 142 -42.12 -20.46 28.72
N ARG B 143 -42.73 -21.42 29.36
CA ARG B 143 -43.86 -21.15 30.23
C ARG B 143 -43.38 -20.47 31.49
N LEU B 144 -44.12 -19.43 31.87
CA LEU B 144 -43.85 -18.69 33.08
C LEU B 144 -44.41 -19.47 34.27
N GLU B 145 -43.65 -20.50 34.64
CA GLU B 145 -44.10 -21.56 35.53
C GLU B 145 -42.84 -22.05 36.28
N ALA B 146 -42.86 -21.90 37.58
CA ALA B 146 -41.79 -22.36 38.43
C ALA B 146 -41.83 -23.90 38.50
N GLY B 147 -40.65 -24.51 38.31
CA GLY B 147 -40.47 -25.91 38.64
C GLY B 147 -39.87 -26.79 37.53
N PRO B 148 -40.61 -26.98 36.45
CA PRO B 148 -40.18 -27.90 35.40
C PRO B 148 -38.94 -27.43 34.71
N VAL B 149 -38.13 -28.37 34.25
CA VAL B 149 -37.04 -28.09 33.33
C VAL B 149 -37.65 -28.02 31.95
N GLN B 150 -37.41 -26.94 31.25
CA GLN B 150 -38.09 -26.65 30.02
C GLN B 150 -37.09 -26.79 28.92
N GLN B 151 -37.45 -27.53 27.87
CA GLN B 151 -36.54 -27.68 26.75
C GLN B 151 -36.63 -26.45 25.86
N THR B 152 -35.53 -26.07 25.22
CA THR B 152 -35.60 -25.00 24.25
C THR B 152 -34.95 -25.49 23.01
N ARG B 153 -34.77 -24.67 22.03
CA ARG B 153 -34.03 -25.06 20.84
C ARG B 153 -32.55 -25.36 21.13
N HIS B 154 -32.07 -24.99 22.31
CA HIS B 154 -30.66 -25.24 22.66
C HIS B 154 -30.66 -25.92 24.01
N GLU B 155 -30.25 -25.24 25.05
CA GLU B 155 -30.09 -25.94 26.30
C GLU B 155 -31.39 -25.89 27.08
N PRO B 156 -31.54 -26.80 28.04
CA PRO B 156 -32.60 -26.74 29.02
C PRO B 156 -32.56 -25.46 29.90
N TYR B 157 -33.72 -24.90 30.24
CA TYR B 157 -33.83 -23.77 31.13
C TYR B 157 -34.81 -24.12 32.24
N ARG B 158 -34.80 -23.35 33.29
CA ARG B 158 -35.67 -23.59 34.40
C ARG B 158 -35.95 -22.31 35.16
N LEU B 159 -37.18 -22.12 35.57
CA LEU B 159 -37.56 -21.01 36.42
C LEU B 159 -37.74 -21.50 37.83
N THR B 160 -37.20 -20.79 38.81
CA THR B 160 -37.56 -21.01 40.19
C THR B 160 -38.16 -19.74 40.74
N ARG B 161 -38.75 -19.82 41.92
CA ARG B 161 -39.46 -18.70 42.51
C ARG B 161 -39.26 -18.71 44.01
N HIS B 162 -38.93 -17.54 44.57
CA HIS B 162 -38.80 -17.32 46.02
C HIS B 162 -39.55 -16.03 46.33
N GLY B 163 -40.74 -16.20 46.91
CA GLY B 163 -41.70 -15.13 47.09
C GLY B 163 -42.28 -14.68 45.77
N ASP B 164 -41.97 -13.43 45.40
CA ASP B 164 -42.35 -12.85 44.11
C ASP B 164 -41.14 -12.75 43.14
N ASP B 165 -39.94 -13.09 43.64
CA ASP B 165 -38.75 -13.15 42.78
C ASP B 165 -38.63 -14.45 41.97
N HIS B 166 -38.64 -14.35 40.66
CA HIS B 166 -38.31 -15.45 39.77
C HIS B 166 -36.85 -15.39 39.32
N THR B 167 -36.19 -16.54 39.25
CA THR B 167 -34.87 -16.68 38.65
C THR B 167 -34.93 -17.61 37.45
N LEU B 168 -34.40 -17.15 36.32
CA LEU B 168 -34.09 -18.01 35.18
C LEU B 168 -32.65 -18.55 35.25
N ALA B 169 -32.53 -19.85 35.10
CA ALA B 169 -31.27 -20.58 35.06
C ALA B 169 -31.29 -21.40 33.80
N ALA B 170 -30.08 -21.65 33.28
CA ALA B 170 -29.81 -22.49 32.13
C ALA B 170 -28.76 -23.51 32.49
N GLN B 171 -28.92 -24.70 31.91
CA GLN B 171 -27.98 -25.76 32.03
C GLN B 171 -26.98 -25.60 30.92
N VAL B 172 -25.87 -24.95 31.23
CA VAL B 172 -24.87 -24.54 30.25
C VAL B 172 -23.62 -25.40 30.41
N ARG B 173 -23.33 -26.17 29.37
CA ARG B 173 -22.19 -27.10 29.29
C ARG B 173 -22.09 -27.98 30.50
N GLY B 174 -23.22 -28.56 30.88
CA GLY B 174 -23.25 -29.30 32.12
C GLY B 174 -24.02 -28.48 33.12
N GLU B 175 -23.37 -27.43 33.65
CA GLU B 175 -23.74 -26.84 34.92
C GLU B 175 -24.98 -25.96 34.89
N TRP B 176 -25.66 -25.96 36.02
CA TRP B 176 -26.81 -25.09 36.16
C TRP B 176 -26.28 -23.73 36.59
N GLN B 177 -26.49 -22.74 35.73
CA GLN B 177 -26.14 -21.35 35.94
C GLN B 177 -27.34 -20.35 36.06
N PRO B 178 -27.54 -19.71 37.19
CA PRO B 178 -28.52 -18.60 37.26
C PRO B 178 -28.16 -17.47 36.27
N LEU B 179 -29.15 -16.97 35.54
CA LEU B 179 -28.91 -15.91 34.61
C LEU B 179 -29.40 -14.56 35.15
N TYR B 180 -30.67 -14.49 35.51
CA TYR B 180 -31.27 -13.26 36.03
C TYR B 180 -32.49 -13.53 36.88
N THR B 181 -32.85 -12.56 37.71
CA THR B 181 -34.06 -12.56 38.51
C THR B 181 -34.98 -11.50 38.03
N PHE B 182 -36.29 -11.71 38.21
CA PHE B 182 -37.28 -10.71 37.77
C PHE B 182 -38.52 -10.87 38.59
N THR B 183 -39.33 -9.82 38.64
CA THR B 183 -40.68 -9.95 39.16
C THR B 183 -41.63 -9.80 37.98
N THR B 184 -42.88 -10.25 38.18
CA THR B 184 -43.90 -10.12 37.14
C THR B 184 -44.69 -8.79 37.22
N GLU B 185 -44.15 -7.76 37.90
CA GLU B 185 -44.78 -6.47 37.85
C GLU B 185 -44.59 -5.80 36.48
N PRO B 186 -45.67 -5.47 35.75
CA PRO B 186 -45.49 -4.80 34.47
C PRO B 186 -44.88 -3.41 34.64
N ARG B 187 -44.04 -3.01 33.71
CA ARG B 187 -43.31 -1.75 33.82
C ARG B 187 -43.80 -0.83 32.73
N PRO B 188 -44.01 0.44 33.05
CA PRO B 188 -44.29 1.44 32.00
C PRO B 188 -43.04 1.76 31.22
N ARG B 189 -43.21 2.21 30.01
CA ARG B 189 -42.10 2.48 29.17
C ARG B 189 -41.09 3.46 29.84
N ILE B 190 -41.58 4.46 30.57
CA ILE B 190 -40.68 5.42 31.20
C ILE B 190 -39.75 4.76 32.18
N ASP B 191 -40.18 3.75 32.91
CA ASP B 191 -39.29 3.12 33.87
C ASP B 191 -38.23 2.28 33.12
N LEU B 192 -38.62 1.66 32.00
CA LEU B 192 -37.62 1.03 31.13
C LEU B 192 -36.58 2.05 30.58
N GLU B 193 -37.02 3.22 30.18
CA GLU B 193 -36.14 4.27 29.67
C GLU B 193 -35.15 4.80 30.70
N VAL B 194 -35.53 4.87 31.96
CA VAL B 194 -34.59 5.23 33.01
C VAL B 194 -33.48 4.17 33.17
N GLY B 195 -33.87 2.90 33.16
CA GLY B 195 -32.92 1.84 33.22
C GLY B 195 -32.03 1.80 31.99
N SER B 196 -32.60 1.95 30.80
CA SER B 196 -31.80 2.00 29.57
C SER B 196 -30.83 3.20 29.55
N TRP B 197 -31.26 4.34 30.05
CA TRP B 197 -30.35 5.48 30.20
C TRP B 197 -29.13 5.06 31.08
N TYR B 198 -29.39 4.36 32.16
CA TYR B 198 -28.33 3.93 33.04
C TYR B 198 -27.36 2.96 32.30
N VAL B 199 -27.88 1.94 31.66
CA VAL B 199 -27.05 0.94 31.06
C VAL B 199 -26.23 1.51 29.89
N SER B 200 -26.77 2.49 29.18
CA SER B 200 -26.09 3.04 28.02
C SER B 200 -25.25 4.29 28.30
N THR B 201 -25.27 4.83 29.51
CA THR B 201 -24.44 6.02 29.84
C THR B 201 -23.57 5.93 31.13
N HIS B 202 -23.86 5.02 32.02
CA HIS B 202 -23.11 4.99 33.23
C HIS B 202 -21.68 4.47 32.96
N PRO B 203 -20.63 5.19 33.39
CA PRO B 203 -19.25 4.83 33.05
C PRO B 203 -18.74 3.45 33.46
N GLY B 204 -19.34 2.83 34.48
CA GLY B 204 -19.03 1.46 34.82
C GLY B 204 -19.90 0.40 34.08
N SER B 205 -20.81 0.79 33.20
CA SER B 205 -21.62 -0.20 32.47
C SER B 205 -20.73 -0.97 31.51
N HIS B 206 -20.85 -2.27 31.58
CA HIS B 206 -20.21 -3.21 30.66
C HIS B 206 -20.48 -2.81 29.20
N PHE B 207 -21.61 -2.17 28.94
CA PHE B 207 -21.97 -1.69 27.60
C PHE B 207 -21.45 -0.30 27.25
N VAL B 208 -20.82 0.36 28.21
CA VAL B 208 -20.15 1.62 27.90
C VAL B 208 -18.62 1.37 27.76
N THR B 209 -18.07 0.38 28.48
CA THR B 209 -16.63 0.23 28.57
C THR B 209 -16.06 -0.62 27.43
N GLY B 210 -16.93 -1.33 26.71
CA GLY B 210 -16.46 -2.22 25.68
C GLY B 210 -17.54 -2.57 24.65
N LEU B 211 -17.16 -3.46 23.73
CA LEU B 211 -17.94 -3.87 22.58
C LEU B 211 -18.47 -5.28 22.84
N THR B 212 -19.78 -5.46 22.74
CA THR B 212 -20.41 -6.78 22.83
C THR B 212 -21.27 -6.93 21.59
N VAL B 213 -21.07 -8.03 20.87
CA VAL B 213 -21.95 -8.34 19.73
C VAL B 213 -22.27 -9.83 19.89
N ALA B 214 -23.49 -10.25 19.57
CA ALA B 214 -23.85 -11.63 19.74
C ALA B 214 -24.96 -11.96 18.76
N VAL B 215 -25.05 -13.24 18.42
CA VAL B 215 -26.17 -13.73 17.65
C VAL B 215 -26.26 -15.24 17.91
N VAL B 216 -27.44 -15.80 17.67
CA VAL B 216 -27.67 -17.21 17.91
C VAL B 216 -28.32 -17.87 16.66
N THR B 217 -27.59 -18.83 16.06
CA THR B 217 -28.12 -19.74 15.01
C THR B 217 -28.64 -21.04 15.62
N ASP B 218 -29.14 -21.93 14.76
CA ASP B 218 -29.69 -23.22 15.22
C ASP B 218 -28.59 -24.03 15.90
N ASP B 219 -27.35 -23.82 15.45
CA ASP B 219 -26.28 -24.67 15.85
C ASP B 219 -25.25 -24.05 16.80
N ALA B 220 -25.27 -22.75 16.99
CA ALA B 220 -24.22 -22.13 17.81
C ALA B 220 -24.60 -20.80 18.38
N ARG B 221 -23.99 -20.46 19.50
CA ARG B 221 -24.12 -19.14 20.10
C ARG B 221 -22.76 -18.44 19.89
N TYR B 222 -22.79 -17.26 19.27
CA TYR B 222 -21.65 -16.40 19.03
C TYR B 222 -21.67 -15.26 20.01
N ASN B 223 -20.53 -14.97 20.60
CA ASN B 223 -20.42 -13.86 21.53
C ASN B 223 -19.11 -13.15 21.35
N LEU B 224 -19.14 -11.90 20.90
CA LEU B 224 -17.92 -11.11 20.74
C LEU B 224 -17.80 -10.09 21.85
N ARG B 225 -16.66 -10.12 22.55
CA ARG B 225 -16.28 -9.04 23.42
C ARG B 225 -14.91 -8.51 22.95
N GLY B 226 -14.86 -7.24 22.55
CA GLY B 226 -13.65 -6.63 22.05
C GLY B 226 -13.06 -7.41 20.88
N ARG B 227 -11.78 -7.77 20.97
CA ARG B 227 -11.18 -8.56 19.89
C ARG B 227 -11.51 -10.08 19.93
N ASN B 228 -12.19 -10.52 20.99
CA ASN B 228 -12.40 -11.96 21.28
C ASN B 228 -13.75 -12.50 20.95
N LEU B 229 -13.82 -13.30 19.90
CA LEU B 229 -15.07 -13.92 19.49
C LEU B 229 -15.12 -15.31 20.06
N ALA B 230 -16.15 -15.60 20.85
CA ALA B 230 -16.38 -16.95 21.35
C ALA B 230 -17.51 -17.59 20.58
N VAL B 231 -17.39 -18.89 20.32
CA VAL B 231 -18.40 -19.63 19.59
C VAL B 231 -18.64 -20.93 20.37
N HIS B 232 -19.90 -21.18 20.74
CA HIS B 232 -20.20 -22.30 21.56
C HIS B 232 -21.10 -23.24 20.74
N ARG B 233 -20.63 -24.45 20.51
CA ARG B 233 -21.40 -25.45 19.75
C ARG B 233 -21.25 -26.82 20.41
N SER B 234 -21.82 -27.94 20.02
CA SER B 234 -21.45 -29.18 20.82
C SER B 234 -19.95 -29.66 20.73
N GLY B 235 -19.38 -30.36 21.74
CA GLY B 235 -18.03 -30.83 21.61
C GLY B 235 -17.00 -29.78 21.51
N ALA B 236 -17.37 -28.55 21.34
CA ALA B 236 -16.25 -27.68 21.26
C ALA B 236 -16.57 -26.23 21.59
N THR B 237 -15.61 -25.61 22.27
CA THR B 237 -15.61 -24.17 22.35
C THR B 237 -14.53 -23.57 21.46
N GLU B 238 -14.88 -22.54 20.75
CA GLU B 238 -14.09 -21.93 19.73
C GLU B 238 -13.80 -20.45 20.12
N HIS B 239 -12.54 -20.05 20.13
CA HIS B 239 -12.11 -18.69 20.51
C HIS B 239 -11.30 -18.05 19.39
N ILE B 240 -11.91 -17.08 18.71
CA ILE B 240 -11.21 -16.32 17.69
C ILE B 240 -10.70 -15.01 18.24
N ARG B 241 -9.36 -14.83 18.22
CA ARG B 241 -8.76 -13.55 18.56
C ARG B 241 -8.38 -12.74 17.32
N PHE B 242 -9.04 -11.61 17.14
CA PHE B 242 -8.77 -10.69 16.01
C PHE B 242 -7.53 -9.84 16.32
N ASP B 243 -6.66 -9.67 15.33
CA ASP B 243 -5.40 -8.94 15.44
C ASP B 243 -5.59 -7.46 15.73
N SER B 244 -6.61 -6.85 15.12
CA SER B 244 -6.81 -5.38 15.22
C SER B 244 -8.25 -4.98 15.04
N ALA B 245 -8.54 -3.71 15.24
CA ALA B 245 -9.88 -3.20 15.05
C ALA B 245 -10.38 -3.39 13.63
N ALA B 246 -9.49 -3.43 12.65
CA ALA B 246 -9.93 -3.62 11.26
C ALA B 246 -10.64 -4.96 11.07
N GLN B 247 -10.14 -6.01 11.72
CA GLN B 247 -10.74 -7.32 11.60
C GLN B 247 -12.03 -7.39 12.42
N VAL B 248 -12.06 -6.67 13.53
CA VAL B 248 -13.26 -6.68 14.33
C VAL B 248 -14.42 -6.01 13.58
N LEU B 249 -14.18 -4.89 12.94
CA LEU B 249 -15.21 -4.23 12.13
C LEU B 249 -15.67 -5.06 10.99
N ASP B 250 -14.73 -5.71 10.31
CA ASP B 250 -15.07 -6.66 9.26
C ASP B 250 -15.98 -7.77 9.78
N ALA B 251 -15.73 -8.28 10.98
CA ALA B 251 -16.63 -9.24 11.58
C ALA B 251 -18.01 -8.62 11.90
N ILE B 252 -18.01 -7.37 12.38
CA ILE B 252 -19.27 -6.67 12.69
C ILE B 252 -20.10 -6.54 11.43
N VAL B 253 -19.49 -6.10 10.34
CA VAL B 253 -20.23 -5.81 9.11
C VAL B 253 -20.64 -7.11 8.39
N ASN B 254 -19.69 -8.03 8.19
CA ASN B 254 -19.92 -9.17 7.32
C ASN B 254 -20.35 -10.43 8.01
N ARG B 255 -19.77 -10.77 9.15
CA ARG B 255 -20.22 -11.94 9.89
C ARG B 255 -21.54 -11.68 10.60
N PHE B 256 -21.64 -10.56 11.30
CA PHE B 256 -22.80 -10.27 12.10
C PHE B 256 -23.79 -9.42 11.35
N GLY B 257 -23.49 -8.95 10.14
CA GLY B 257 -24.53 -8.33 9.34
C GLY B 257 -24.99 -6.97 9.83
N ILE B 258 -24.16 -6.24 10.56
CA ILE B 258 -24.59 -4.89 11.04
C ILE B 258 -24.20 -3.83 10.01
N ASP B 259 -25.16 -3.05 9.57
CA ASP B 259 -24.94 -1.94 8.65
C ASP B 259 -24.41 -0.71 9.39
N LEU B 260 -23.22 -0.24 9.06
CA LEU B 260 -22.60 0.89 9.79
C LEU B 260 -22.89 2.33 9.25
N GLY B 261 -23.85 2.42 8.32
CA GLY B 261 -24.15 3.65 7.60
C GLY B 261 -24.68 4.83 8.40
N ASP B 262 -25.52 4.60 9.42
CA ASP B 262 -26.00 5.73 10.25
C ASP B 262 -24.91 6.22 11.22
N LEU B 263 -23.78 5.50 11.25
CA LEU B 263 -22.62 5.91 12.04
C LEU B 263 -21.53 6.54 11.20
N ALA B 264 -21.84 6.84 9.93
CA ALA B 264 -20.95 7.59 9.06
C ALA B 264 -20.56 8.93 9.72
N GLY B 265 -19.27 9.24 9.72
CA GLY B 265 -18.82 10.46 10.36
C GLY B 265 -18.47 10.30 11.84
N ARG B 266 -18.64 9.11 12.37
CA ARG B 266 -17.99 8.78 13.59
C ARG B 266 -16.90 7.78 13.25
N ASP B 267 -15.79 7.93 13.96
CA ASP B 267 -14.58 7.12 13.86
C ASP B 267 -14.81 5.78 14.58
N VAL B 268 -15.66 4.91 14.05
CA VAL B 268 -15.97 3.66 14.69
C VAL B 268 -14.71 2.82 14.92
N GLN B 269 -13.82 2.77 13.93
CA GLN B 269 -12.68 1.88 14.02
C GLN B 269 -11.75 2.29 15.14
N ALA B 270 -11.47 3.58 15.22
CA ALA B 270 -10.71 4.13 16.32
C ALA B 270 -11.28 3.87 17.70
N ARG B 271 -12.60 3.96 17.84
CA ARG B 271 -13.17 3.67 19.14
C ARG B 271 -13.04 2.18 19.41
N VAL B 272 -13.32 1.35 18.41
CA VAL B 272 -13.19 -0.12 18.63
C VAL B 272 -11.74 -0.45 19.04
N ALA B 273 -10.76 0.24 18.43
CA ALA B 273 -9.34 0.01 18.71
C ALA B 273 -9.03 0.25 20.18
N GLU B 274 -9.74 1.18 20.81
CA GLU B 274 -9.46 1.49 22.21
C GLU B 274 -10.03 0.43 23.15
N VAL B 275 -10.97 -0.40 22.68
CA VAL B 275 -11.63 -1.34 23.57
C VAL B 275 -11.41 -2.82 23.22
N LEU B 276 -10.38 -3.11 22.44
CA LEU B 276 -10.10 -4.46 22.03
C LEU B 276 -9.90 -5.35 23.25
N ASP B 277 -9.23 -4.83 24.28
CA ASP B 277 -8.99 -5.64 25.44
C ASP B 277 -9.75 -5.23 26.69
N THR B 278 -10.91 -4.57 26.54
CA THR B 278 -11.81 -4.31 27.69
C THR B 278 -13.12 -5.12 27.73
N ASP C 7 36.52 -2.25 -38.96
CA ASP C 7 35.36 -1.70 -39.66
C ASP C 7 34.55 -0.70 -38.81
N LEU C 8 34.57 0.52 -39.32
CA LEU C 8 34.01 1.67 -38.69
C LEU C 8 32.61 2.02 -39.14
N GLY C 9 32.12 1.36 -40.19
CA GLY C 9 30.84 1.73 -40.79
C GLY C 9 29.71 1.70 -39.76
N GLY C 10 29.68 0.65 -38.92
CA GLY C 10 28.70 0.59 -37.86
C GLY C 10 28.76 1.74 -36.87
N TYR C 11 29.96 2.03 -36.37
CA TYR C 11 30.15 3.14 -35.44
C TYR C 11 29.66 4.48 -36.05
N LEU C 12 30.10 4.79 -37.25
CA LEU C 12 29.80 6.10 -37.85
C LEU C 12 28.31 6.27 -38.08
N THR C 13 27.65 5.18 -38.42
CA THR C 13 26.20 5.15 -38.55
C THR C 13 25.50 5.34 -37.16
N ARG C 14 26.05 4.71 -36.15
CA ARG C 14 25.60 4.82 -34.81
C ARG C 14 25.57 6.26 -34.36
N ILE C 15 26.62 7.00 -34.64
CA ILE C 15 26.71 8.39 -34.27
C ILE C 15 26.26 9.43 -35.34
N GLY C 16 25.74 8.98 -36.49
CA GLY C 16 25.11 9.83 -37.50
C GLY C 16 26.04 10.51 -38.49
N LEU C 17 27.24 9.97 -38.70
CA LEU C 17 28.15 10.47 -39.73
C LEU C 17 28.17 9.43 -40.84
N ASP C 18 28.87 9.75 -41.96
CA ASP C 18 28.92 8.78 -43.07
C ASP C 18 30.21 8.84 -43.86
N GLY C 19 30.56 7.67 -44.44
CA GLY C 19 31.82 7.56 -45.12
C GLY C 19 32.85 7.89 -44.07
N ARG C 20 34.09 7.50 -44.33
CA ARG C 20 35.18 7.73 -43.39
C ARG C 20 35.58 9.20 -43.47
N PRO C 21 35.50 9.89 -42.35
CA PRO C 21 36.13 11.21 -42.22
C PRO C 21 37.67 11.18 -42.20
N ARG C 22 38.27 12.27 -42.63
CA ARG C 22 39.71 12.43 -42.65
C ARG C 22 40.16 12.79 -41.28
N PRO C 23 41.37 12.42 -40.95
CA PRO C 23 41.94 12.72 -39.61
C PRO C 23 42.48 14.14 -39.41
N ASP C 24 41.58 15.06 -39.21
CA ASP C 24 41.93 16.42 -38.95
C ASP C 24 41.05 16.95 -37.82
N LEU C 25 41.31 18.18 -37.44
CA LEU C 25 40.74 18.74 -36.28
C LEU C 25 39.21 18.96 -36.40
N GLY C 26 38.73 19.34 -37.58
CA GLY C 26 37.30 19.54 -37.75
C GLY C 26 36.57 18.22 -37.61
N THR C 27 37.19 17.18 -38.15
CA THR C 27 36.72 15.84 -37.93
C THR C 27 36.65 15.45 -36.45
N LEU C 28 37.68 15.81 -35.67
CA LEU C 28 37.72 15.45 -34.26
C LEU C 28 36.55 16.12 -33.56
N HIS C 29 36.27 17.40 -33.91
CA HIS C 29 35.18 18.14 -33.32
C HIS C 29 33.83 17.48 -33.65
N ALA C 30 33.64 17.07 -34.90
CA ALA C 30 32.37 16.56 -35.41
C ALA C 30 32.12 15.19 -34.75
N ILE C 31 33.20 14.41 -34.60
CA ILE C 31 33.10 13.06 -34.03
C ILE C 31 32.72 13.13 -32.55
N VAL C 32 33.36 14.01 -31.79
CA VAL C 32 33.06 14.16 -30.40
C VAL C 32 31.62 14.62 -30.19
N ALA C 33 31.14 15.62 -30.94
CA ALA C 33 29.79 16.10 -30.80
C ALA C 33 28.76 15.04 -31.15
N ALA C 34 29.03 14.25 -32.15
CA ALA C 34 28.09 13.23 -32.60
C ALA C 34 28.09 12.06 -31.62
N HIS C 35 29.24 11.60 -31.16
CA HIS C 35 29.30 10.61 -30.06
C HIS C 35 28.53 11.07 -28.78
N ASN C 36 28.77 12.29 -28.34
CA ASN C 36 28.14 12.90 -27.17
C ASN C 36 26.61 12.77 -27.21
N ARG C 37 26.00 13.00 -28.39
CA ARG C 37 24.56 12.97 -28.51
C ARG C 37 23.97 11.62 -28.76
N SER C 38 24.76 10.72 -29.29
CA SER C 38 24.27 9.47 -29.81
C SER C 38 24.42 8.26 -28.87
N ILE C 39 25.51 8.24 -28.11
CA ILE C 39 25.82 7.10 -27.27
C ILE C 39 25.78 7.64 -25.85
N PRO C 40 24.75 7.26 -25.10
CA PRO C 40 24.64 7.77 -23.74
C PRO C 40 25.64 7.17 -22.76
N PHE C 41 25.88 7.93 -21.72
CA PHE C 41 26.51 7.46 -20.52
C PHE C 41 25.48 6.66 -19.74
N GLU C 42 25.85 5.44 -19.35
CA GLU C 42 24.98 4.59 -18.49
C GLU C 42 25.77 3.47 -17.75
N ASN C 43 25.28 3.06 -16.57
CA ASN C 43 25.93 2.02 -15.77
C ASN C 43 24.94 0.89 -15.48
N LEU C 44 24.07 0.59 -16.40
CA LEU C 44 23.12 -0.47 -16.19
C LEU C 44 23.76 -1.84 -15.92
N ASP C 45 24.86 -2.13 -16.57
CA ASP C 45 25.54 -3.39 -16.37
C ASP C 45 25.97 -3.50 -14.90
N PRO C 46 26.82 -2.61 -14.38
CA PRO C 46 27.24 -2.73 -12.98
C PRO C 46 26.12 -2.66 -11.99
N LEU C 47 25.12 -1.87 -12.28
CA LEU C 47 23.98 -1.75 -11.41
C LEU C 47 23.30 -3.13 -11.33
N LEU C 48 23.30 -3.86 -12.41
CA LEU C 48 22.76 -5.19 -12.40
C LEU C 48 23.80 -6.27 -12.07
N GLY C 49 24.96 -5.91 -11.52
CA GLY C 49 25.95 -6.92 -11.14
C GLY C 49 26.67 -7.57 -12.31
N ILE C 50 26.61 -6.94 -13.50
CA ILE C 50 27.39 -7.37 -14.66
C ILE C 50 28.66 -6.51 -14.74
N PRO C 51 29.83 -7.09 -14.45
CA PRO C 51 31.06 -6.32 -14.50
C PRO C 51 31.37 -5.76 -15.94
N VAL C 52 32.09 -4.65 -15.98
CA VAL C 52 32.69 -4.18 -17.20
C VAL C 52 34.18 -4.52 -17.14
N ALA C 53 34.49 -5.68 -17.66
CA ALA C 53 35.75 -6.34 -17.50
C ALA C 53 36.56 -6.30 -18.77
N ASP C 54 35.94 -6.28 -19.94
CA ASP C 54 36.65 -6.49 -21.20
C ASP C 54 36.63 -5.17 -22.00
N LEU C 55 37.78 -4.55 -22.21
CA LEU C 55 37.85 -3.25 -22.88
C LEU C 55 38.49 -3.37 -24.27
N SER C 56 38.41 -4.56 -24.84
CA SER C 56 38.87 -4.81 -26.21
C SER C 56 37.90 -4.13 -27.14
N ALA C 57 38.35 -3.99 -28.36
CA ALA C 57 37.54 -3.40 -29.42
C ALA C 57 36.34 -4.26 -29.74
N GLU C 58 36.54 -5.56 -29.77
CA GLU C 58 35.44 -6.49 -30.06
C GLU C 58 34.31 -6.30 -29.05
N ALA C 59 34.66 -6.25 -27.77
CA ALA C 59 33.64 -6.10 -26.74
C ALA C 59 32.93 -4.73 -26.78
N LEU C 60 33.69 -3.68 -26.90
CA LEU C 60 33.15 -2.36 -26.84
C LEU C 60 32.31 -2.00 -28.05
N PHE C 61 32.76 -2.39 -29.25
CA PHE C 61 31.98 -2.23 -30.45
C PHE C 61 30.70 -3.01 -30.31
N ALA C 62 30.81 -4.24 -29.81
CA ALA C 62 29.62 -5.09 -29.71
C ALA C 62 28.59 -4.48 -28.75
N LYS C 63 29.00 -3.89 -27.64
CA LYS C 63 28.03 -3.33 -26.76
C LYS C 63 27.53 -1.94 -27.16
N LEU C 64 28.44 -1.01 -27.37
CA LEU C 64 28.00 0.37 -27.56
C LEU C 64 27.41 0.64 -28.96
N VAL C 65 27.80 -0.13 -29.96
CA VAL C 65 27.40 0.09 -31.37
C VAL C 65 26.28 -0.95 -31.70
N ASP C 66 26.63 -2.25 -31.77
CA ASP C 66 25.71 -3.33 -32.21
C ASP C 66 24.49 -3.55 -31.35
N ARG C 67 24.61 -3.42 -30.03
CA ARG C 67 23.49 -3.66 -29.14
C ARG C 67 22.86 -2.37 -28.69
N ARG C 68 23.38 -1.22 -29.13
CA ARG C 68 22.75 0.08 -28.85
C ARG C 68 22.56 0.38 -27.37
N ARG C 69 23.59 0.05 -26.63
CA ARG C 69 23.71 0.38 -25.26
C ARG C 69 24.63 1.62 -25.16
N GLY C 70 24.60 2.28 -24.03
CA GLY C 70 25.69 3.17 -23.67
C GLY C 70 26.70 2.47 -22.75
N GLY C 71 27.48 3.26 -22.02
CA GLY C 71 28.54 2.72 -21.20
C GLY C 71 29.02 3.82 -20.29
N TYR C 72 30.05 3.54 -19.54
CA TYR C 72 30.66 4.54 -18.71
C TYR C 72 32.06 4.89 -19.26
N CYS C 73 32.94 5.57 -18.53
CA CYS C 73 34.13 6.17 -19.18
C CYS C 73 35.03 5.20 -19.92
N TYR C 74 35.33 4.05 -19.32
CA TYR C 74 36.22 3.07 -19.98
C TYR C 74 35.65 2.56 -21.26
N GLU C 75 34.33 2.54 -21.36
CA GLU C 75 33.72 2.02 -22.56
C GLU C 75 33.70 3.08 -23.62
N HIS C 76 33.28 4.26 -23.23
CA HIS C 76 33.18 5.41 -24.17
C HIS C 76 34.52 5.81 -24.77
N ASN C 77 35.46 6.17 -23.91
CA ASN C 77 36.77 6.57 -24.36
C ASN C 77 37.55 5.42 -24.94
N GLY C 78 37.28 4.21 -24.46
CA GLY C 78 37.92 3.05 -25.06
C GLY C 78 37.43 2.94 -26.50
N LEU C 79 36.12 2.96 -26.70
CA LEU C 79 35.59 2.86 -28.06
C LEU C 79 36.11 3.97 -28.95
N LEU C 80 35.99 5.19 -28.47
CA LEU C 80 36.41 6.36 -29.28
C LEU C 80 37.89 6.25 -29.63
N GLY C 81 38.66 5.73 -28.70
CA GLY C 81 40.07 5.45 -28.93
C GLY C 81 40.38 4.57 -30.13
N TYR C 82 39.70 3.44 -30.22
CA TYR C 82 39.92 2.53 -31.31
C TYR C 82 39.44 3.20 -32.63
N VAL C 83 38.32 3.89 -32.60
CA VAL C 83 37.83 4.57 -33.76
C VAL C 83 38.84 5.61 -34.29
N LEU C 84 39.34 6.47 -33.42
CA LEU C 84 40.23 7.53 -33.84
C LEU C 84 41.54 6.97 -34.42
N GLU C 85 42.07 5.88 -33.87
CA GLU C 85 43.26 5.27 -34.43
C GLU C 85 42.96 4.68 -35.80
N GLU C 86 41.82 4.01 -35.95
CA GLU C 86 41.52 3.40 -37.23
C GLU C 86 41.44 4.54 -38.29
N LEU C 87 40.95 5.72 -37.89
CA LEU C 87 40.78 6.85 -38.84
C LEU C 87 42.07 7.58 -39.19
N GLY C 88 43.12 7.34 -38.40
CA GLY C 88 44.43 7.88 -38.68
C GLY C 88 44.89 8.87 -37.66
N PHE C 89 44.16 9.08 -36.57
CA PHE C 89 44.70 9.86 -35.46
C PHE C 89 45.70 8.97 -34.67
N GLU C 90 46.52 9.55 -33.80
CA GLU C 90 47.37 8.78 -32.88
C GLU C 90 46.83 9.00 -31.46
N VAL C 91 46.66 7.92 -30.71
CA VAL C 91 45.89 7.99 -29.47
C VAL C 91 46.63 7.35 -28.29
N GLU C 92 46.74 8.06 -27.18
CA GLU C 92 47.20 7.47 -25.93
C GLU C 92 46.08 7.55 -24.92
N ARG C 93 45.91 6.45 -24.15
CA ARG C 93 44.91 6.35 -23.10
C ARG C 93 45.51 6.74 -21.76
N LEU C 94 44.83 7.62 -21.04
CA LEU C 94 45.35 8.10 -19.80
C LEU C 94 44.38 7.73 -18.70
N SER C 95 44.88 7.64 -17.47
CA SER C 95 44.00 7.38 -16.35
C SER C 95 43.99 8.59 -15.45
N GLY C 96 42.92 8.79 -14.71
CA GLY C 96 42.89 9.86 -13.72
C GLY C 96 42.06 9.58 -12.50
N ARG C 97 42.13 10.52 -11.57
CA ARG C 97 41.41 10.43 -10.31
C ARG C 97 40.30 11.47 -10.27
N VAL C 98 39.10 11.10 -9.87
CA VAL C 98 38.01 11.99 -9.95
C VAL C 98 37.95 12.78 -8.65
N VAL C 99 38.09 14.09 -8.78
CA VAL C 99 38.09 14.96 -7.65
C VAL C 99 36.81 15.80 -7.57
N TRP C 100 35.82 15.53 -8.41
CA TRP C 100 34.66 16.40 -8.52
C TRP C 100 33.91 16.56 -7.22
N MET C 101 33.78 17.80 -6.73
CA MET C 101 33.13 18.10 -5.45
C MET C 101 33.69 17.32 -4.28
N ARG C 102 34.98 17.02 -4.27
CA ARG C 102 35.55 16.29 -3.15
C ARG C 102 36.00 17.25 -2.08
N ALA C 103 35.65 16.94 -0.83
CA ALA C 103 36.12 17.77 0.28
C ALA C 103 37.64 17.86 0.16
N ASP C 104 38.19 19.02 0.44
CA ASP C 104 39.62 19.15 0.72
C ASP C 104 39.85 18.22 1.94
N ASP C 105 41.02 17.63 2.05
CA ASP C 105 41.27 16.67 3.12
C ASP C 105 40.56 15.31 2.95
N ALA C 106 39.89 15.11 1.81
CA ALA C 106 39.44 13.76 1.44
C ALA C 106 40.70 13.06 0.99
N PRO C 107 40.82 11.77 1.26
CA PRO C 107 42.01 11.03 0.83
C PRO C 107 42.13 11.00 -0.73
N LEU C 108 43.35 10.76 -1.18
CA LEU C 108 43.56 10.51 -2.59
C LEU C 108 42.56 9.48 -3.15
N PRO C 109 41.83 9.86 -4.22
CA PRO C 109 40.87 8.91 -4.83
C PRO C 109 41.62 7.91 -5.69
N ALA C 110 41.00 6.76 -5.90
CA ALA C 110 41.45 5.76 -6.83
C ALA C 110 41.50 6.29 -8.27
N GLN C 111 42.24 5.60 -9.14
CA GLN C 111 42.28 5.90 -10.56
C GLN C 111 41.05 5.26 -11.23
N THR C 112 39.98 6.02 -11.40
CA THR C 112 38.72 5.47 -11.85
C THR C 112 38.25 6.09 -13.15
N HIS C 113 39.09 6.93 -13.80
CA HIS C 113 38.69 7.63 -15.05
C HIS C 113 39.73 7.37 -16.15
N ASN C 114 39.25 7.25 -17.36
CA ASN C 114 40.04 6.99 -18.52
C ASN C 114 39.72 8.15 -19.49
N VAL C 115 40.73 8.87 -19.96
CA VAL C 115 40.58 9.94 -21.01
C VAL C 115 41.55 9.68 -22.11
N LEU C 116 41.38 10.34 -23.24
CA LEU C 116 42.30 10.23 -24.36
C LEU C 116 43.18 11.47 -24.59
N SER C 117 44.40 11.19 -25.03
CA SER C 117 45.30 12.22 -25.51
C SER C 117 45.60 11.87 -26.94
N VAL C 118 45.18 12.76 -27.84
CA VAL C 118 45.12 12.46 -29.25
C VAL C 118 46.02 13.39 -30.06
N ALA C 119 46.84 12.83 -30.93
CA ALA C 119 47.58 13.61 -31.91
C ALA C 119 46.82 13.62 -33.22
N VAL C 120 46.60 14.83 -33.68
CA VAL C 120 46.04 15.12 -34.99
C VAL C 120 47.19 15.34 -35.95
N PRO C 121 47.34 14.52 -37.00
CA PRO C 121 48.50 14.66 -37.92
C PRO C 121 48.60 16.12 -38.41
N GLY C 122 49.76 16.72 -38.19
CA GLY C 122 49.99 18.07 -38.62
C GLY C 122 49.80 19.14 -37.58
N ALA C 123 49.01 18.92 -36.54
CA ALA C 123 48.79 19.93 -35.52
C ALA C 123 49.79 19.75 -34.39
N ASP C 124 50.18 20.86 -33.78
CA ASP C 124 51.19 20.78 -32.71
C ASP C 124 50.59 20.27 -31.41
N GLY C 125 51.41 19.55 -30.65
CA GLY C 125 51.00 19.14 -29.32
C GLY C 125 49.96 18.06 -29.48
N ARG C 126 49.00 18.02 -28.56
CA ARG C 126 48.10 16.91 -28.48
C ARG C 126 46.82 17.49 -27.96
N TYR C 127 45.74 16.73 -28.11
CA TYR C 127 44.41 17.15 -27.68
C TYR C 127 43.87 16.19 -26.60
N LEU C 128 43.30 16.76 -25.56
CA LEU C 128 42.47 16.03 -24.64
C LEU C 128 41.04 15.82 -25.22
N VAL C 129 40.59 14.57 -25.23
CA VAL C 129 39.28 14.13 -25.69
C VAL C 129 38.74 13.25 -24.58
N ASP C 130 37.59 13.64 -24.04
CA ASP C 130 36.95 12.85 -23.03
C ASP C 130 35.43 12.90 -23.28
N VAL C 131 34.89 11.82 -23.83
CA VAL C 131 33.46 11.65 -24.05
C VAL C 131 32.77 10.72 -23.00
N GLY C 132 33.46 10.42 -21.92
CA GLY C 132 33.03 9.39 -20.98
C GLY C 132 32.80 9.86 -19.57
N PHE C 133 32.91 11.17 -19.28
CA PHE C 133 32.70 11.66 -17.93
C PHE C 133 31.24 11.82 -17.52
N GLY C 134 30.28 11.59 -18.42
CA GLY C 134 28.87 11.74 -18.05
C GLY C 134 28.31 13.11 -18.44
N GLY C 135 27.39 13.61 -17.62
CA GLY C 135 26.74 14.88 -17.86
C GLY C 135 27.65 16.09 -18.07
N GLN C 136 28.78 16.15 -17.36
CA GLN C 136 29.75 17.26 -17.47
C GLN C 136 30.98 16.97 -18.33
N THR C 137 30.83 16.04 -19.27
CA THR C 137 31.96 15.62 -20.07
C THR C 137 32.25 16.70 -21.10
N LEU C 138 33.51 16.77 -21.51
CA LEU C 138 34.00 17.65 -22.56
C LEU C 138 33.21 17.38 -23.84
N THR C 139 32.81 18.45 -24.54
CA THR C 139 32.00 18.36 -25.75
C THR C 139 32.73 18.77 -26.98
N SER C 140 33.98 19.14 -26.83
CA SER C 140 34.89 19.23 -27.95
C SER C 140 36.29 18.89 -27.47
N PRO C 141 37.19 18.62 -28.39
CA PRO C 141 38.56 18.35 -28.01
C PRO C 141 39.17 19.67 -27.59
N ILE C 142 40.07 19.67 -26.61
CA ILE C 142 40.86 20.84 -26.33
C ILE C 142 42.35 20.47 -26.41
N ARG C 143 43.21 21.50 -26.46
CA ARG C 143 44.66 21.34 -26.50
C ARG C 143 45.07 20.85 -25.13
N LEU C 144 45.89 19.82 -25.08
CA LEU C 144 46.37 19.29 -23.79
C LEU C 144 47.55 20.16 -23.44
N GLU C 145 47.21 21.25 -22.78
CA GLU C 145 48.12 22.38 -22.57
C GLU C 145 47.63 23.08 -21.30
N ALA C 146 48.43 23.01 -20.25
CA ALA C 146 48.12 23.67 -18.99
C ALA C 146 48.25 25.18 -19.13
N GLY C 147 47.39 25.95 -18.44
CA GLY C 147 47.44 27.41 -18.45
C GLY C 147 46.17 28.10 -18.99
N PRO C 148 46.01 28.16 -20.31
CA PRO C 148 44.95 28.96 -20.93
C PRO C 148 43.53 28.42 -20.78
N VAL C 149 42.57 29.32 -20.57
CA VAL C 149 41.16 28.97 -20.63
C VAL C 149 40.81 28.67 -22.06
N GLN C 150 40.13 27.56 -22.33
CA GLN C 150 39.82 27.17 -23.69
C GLN C 150 38.34 27.12 -23.86
N GLN C 151 37.87 27.81 -24.87
CA GLN C 151 36.47 27.73 -25.22
C GLN C 151 36.18 26.34 -25.81
N THR C 152 34.97 25.84 -25.55
CA THR C 152 34.43 24.63 -26.15
C THR C 152 33.08 24.86 -26.80
N ARG C 153 32.50 23.78 -27.28
CA ARG C 153 31.18 23.81 -27.87
C ARG C 153 30.14 24.22 -26.81
N HIS C 154 30.46 24.08 -25.52
CA HIS C 154 29.53 24.47 -24.43
C HIS C 154 30.23 25.54 -23.56
N GLU C 155 30.67 25.20 -22.35
CA GLU C 155 31.25 26.15 -21.42
C GLU C 155 32.77 26.08 -21.45
N PRO C 156 33.47 27.14 -21.00
CA PRO C 156 34.94 27.11 -20.93
C PRO C 156 35.51 26.00 -20.00
N TYR C 157 36.61 25.39 -20.43
CA TYR C 157 37.35 24.45 -19.59
C TYR C 157 38.79 24.95 -19.46
N ARG C 158 39.52 24.43 -18.48
CA ARG C 158 40.91 24.78 -18.29
C ARG C 158 41.72 23.63 -17.64
N LEU C 159 42.84 23.27 -18.28
CA LEU C 159 43.87 22.43 -17.69
C LEU C 159 44.86 23.28 -16.90
N THR C 160 45.21 22.84 -15.70
CA THR C 160 46.39 23.33 -14.96
C THR C 160 47.25 22.15 -14.57
N ARG C 161 48.44 22.44 -14.05
CA ARG C 161 49.49 21.44 -13.88
C ARG C 161 50.38 21.71 -12.69
N HIS C 162 50.63 20.71 -11.83
CA HIS C 162 51.77 20.72 -10.88
C HIS C 162 52.70 19.60 -11.33
N GLY C 163 53.76 19.97 -12.04
CA GLY C 163 54.74 19.03 -12.52
C GLY C 163 54.17 17.67 -13.00
N ASP C 164 53.33 17.69 -14.04
CA ASP C 164 52.76 16.47 -14.64
C ASP C 164 51.34 16.21 -14.17
N ASP C 165 51.10 16.24 -12.86
CA ASP C 165 49.78 16.07 -12.35
C ASP C 165 48.87 17.19 -12.93
N HIS C 166 48.10 16.87 -13.96
CA HIS C 166 47.19 17.83 -14.60
C HIS C 166 45.81 17.75 -13.97
N THR C 167 45.13 18.88 -13.87
CA THR C 167 43.75 18.95 -13.42
C THR C 167 42.91 19.61 -14.52
N LEU C 168 41.78 19.00 -14.87
CA LEU C 168 40.80 19.57 -15.76
C LEU C 168 39.71 20.16 -14.88
N ALA C 169 39.39 21.45 -15.13
CA ALA C 169 38.28 22.17 -14.49
C ALA C 169 37.33 22.66 -15.59
N ALA C 170 36.07 22.85 -15.25
CA ALA C 170 35.05 23.37 -16.12
C ALA C 170 34.45 24.55 -15.44
N GLN C 171 34.06 25.61 -16.11
CA GLN C 171 33.34 26.63 -15.40
C GLN C 171 31.84 26.35 -15.68
N VAL C 172 31.13 25.93 -14.63
CA VAL C 172 29.75 25.45 -14.66
C VAL C 172 28.90 26.51 -14.00
N ARG C 173 27.92 27.07 -14.73
CA ARG C 173 27.10 28.19 -14.21
C ARG C 173 28.00 29.28 -13.68
N GLY C 174 28.99 29.67 -14.50
CA GLY C 174 29.95 30.70 -14.14
C GLY C 174 30.95 30.41 -13.01
N GLU C 175 30.93 29.19 -12.46
CA GLU C 175 31.79 28.81 -11.36
C GLU C 175 32.76 27.68 -11.78
N TRP C 176 34.05 27.96 -11.67
CA TRP C 176 35.09 26.98 -11.91
C TRP C 176 35.01 25.81 -10.94
N GLN C 177 34.94 24.58 -11.47
CA GLN C 177 34.97 23.36 -10.66
C GLN C 177 35.98 22.35 -11.21
N PRO C 178 36.94 21.99 -10.39
CA PRO C 178 37.90 20.93 -10.75
C PRO C 178 37.16 19.56 -10.92
N LEU C 179 37.46 18.86 -11.99
CA LEU C 179 36.71 17.61 -12.29
C LEU C 179 37.50 16.37 -11.98
N TYR C 180 38.71 16.31 -12.53
CA TYR C 180 39.59 15.20 -12.28
C TYR C 180 41.05 15.55 -12.44
N THR C 181 41.95 14.72 -11.96
CA THR C 181 43.36 14.90 -12.25
C THR C 181 43.81 13.73 -13.06
N PHE C 182 44.94 13.87 -13.70
CA PHE C 182 45.52 12.80 -14.49
C PHE C 182 46.94 13.12 -14.84
N THR C 183 47.73 12.11 -15.19
CA THR C 183 49.08 12.31 -15.69
C THR C 183 49.04 11.94 -17.13
N THR C 184 50.12 12.24 -17.86
CA THR C 184 50.19 11.92 -19.27
C THR C 184 50.92 10.65 -19.58
N GLU C 185 51.10 9.79 -18.59
CA GLU C 185 51.70 8.47 -18.85
C GLU C 185 50.69 7.56 -19.58
N PRO C 186 51.02 7.06 -20.76
CA PRO C 186 50.11 6.20 -21.49
C PRO C 186 49.88 4.89 -20.71
N ARG C 187 48.64 4.40 -20.67
CA ARG C 187 48.24 3.18 -19.99
C ARG C 187 47.94 2.09 -20.99
N PRO C 188 48.42 0.88 -20.68
CA PRO C 188 48.07 -0.29 -21.46
C PRO C 188 46.64 -0.72 -21.11
N ARG C 189 45.98 -1.41 -22.01
CA ARG C 189 44.59 -1.86 -21.84
C ARG C 189 44.38 -2.61 -20.53
N ILE C 190 45.36 -3.40 -20.13
CA ILE C 190 45.21 -4.21 -18.92
C ILE C 190 45.12 -3.36 -17.71
N ASP C 191 45.89 -2.28 -17.66
CA ASP C 191 45.80 -1.38 -16.53
C ASP C 191 44.42 -0.70 -16.47
N LEU C 192 43.85 -0.38 -17.63
CA LEU C 192 42.49 0.16 -17.65
C LEU C 192 41.43 -0.86 -17.22
N GLU C 193 41.62 -2.08 -17.66
CA GLU C 193 40.71 -3.21 -17.29
C GLU C 193 40.70 -3.50 -15.78
N VAL C 194 41.84 -3.32 -15.15
CA VAL C 194 41.95 -3.37 -13.68
C VAL C 194 41.13 -2.30 -13.01
N GLY C 195 41.21 -1.06 -13.52
CA GLY C 195 40.40 -0.01 -12.96
C GLY C 195 38.93 -0.23 -13.20
N SER C 196 38.59 -0.60 -14.41
CA SER C 196 37.17 -0.78 -14.73
C SER C 196 36.57 -1.92 -13.91
N TRP C 197 37.36 -2.94 -13.66
CA TRP C 197 36.93 -4.03 -12.75
C TRP C 197 36.50 -3.48 -11.40
N TYR C 198 37.30 -2.59 -10.89
CA TYR C 198 37.07 -1.99 -9.59
C TYR C 198 35.85 -1.11 -9.61
N VAL C 199 35.76 -0.23 -10.59
CA VAL C 199 34.67 0.72 -10.68
C VAL C 199 33.33 -0.02 -10.86
N SER C 200 33.37 -1.13 -11.55
CA SER C 200 32.15 -1.86 -11.85
C SER C 200 31.78 -3.00 -10.90
N THR C 201 32.63 -3.31 -9.91
CA THR C 201 32.33 -4.39 -8.96
C THR C 201 32.54 -4.06 -7.48
N HIS C 202 33.30 -3.03 -7.11
CA HIS C 202 33.48 -2.73 -5.72
C HIS C 202 32.15 -2.19 -5.15
N PRO C 203 31.71 -2.73 -4.00
CA PRO C 203 30.43 -2.37 -3.36
C PRO C 203 30.25 -0.93 -2.92
N GLY C 204 31.33 -0.16 -2.77
CA GLY C 204 31.22 1.26 -2.55
C GLY C 204 31.29 2.15 -3.81
N SER C 205 31.39 1.56 -4.99
CA SER C 205 31.48 2.36 -6.21
C SER C 205 30.12 3.00 -6.44
N HIS C 206 30.18 4.30 -6.76
CA HIS C 206 29.05 5.09 -7.25
C HIS C 206 28.25 4.36 -8.35
N PHE C 207 28.95 3.62 -9.19
CA PHE C 207 28.35 2.96 -10.35
C PHE C 207 27.79 1.60 -10.05
N VAL C 208 27.96 1.13 -8.82
CA VAL C 208 27.38 -0.13 -8.37
C VAL C 208 26.13 0.14 -7.48
N THR C 209 26.14 1.24 -6.72
CA THR C 209 25.11 1.57 -5.72
C THR C 209 23.91 2.37 -6.28
N GLY C 210 24.01 2.90 -7.47
CA GLY C 210 22.93 3.67 -8.04
C GLY C 210 22.94 3.70 -9.57
N LEU C 211 21.98 4.45 -10.12
CA LEU C 211 21.79 4.57 -11.56
C LEU C 211 22.24 5.97 -12.01
N THR C 212 23.12 5.99 -12.99
CA THR C 212 23.48 7.23 -13.64
C THR C 212 23.37 7.07 -15.14
N VAL C 213 22.68 8.02 -15.76
CA VAL C 213 22.50 8.09 -17.22
C VAL C 213 22.71 9.55 -17.63
N ALA C 214 23.37 9.77 -18.76
CA ALA C 214 23.59 11.11 -19.25
C ALA C 214 23.73 11.09 -20.77
N VAL C 215 23.49 12.27 -21.34
CA VAL C 215 23.65 12.51 -22.75
C VAL C 215 23.74 14.04 -22.90
N VAL C 216 24.48 14.48 -23.94
CA VAL C 216 24.75 15.88 -24.25
C VAL C 216 24.47 16.25 -25.69
N THR C 217 23.54 17.17 -25.91
CA THR C 217 23.35 17.81 -27.21
C THR C 217 23.98 19.21 -27.30
N ASP C 218 23.91 19.81 -28.48
CA ASP C 218 24.28 21.20 -28.67
C ASP C 218 23.72 22.10 -27.55
N ASP C 219 22.45 21.93 -27.23
CA ASP C 219 21.77 22.89 -26.35
C ASP C 219 21.74 22.47 -24.85
N ALA C 220 21.97 21.21 -24.53
CA ALA C 220 21.59 20.71 -23.22
C ALA C 220 22.49 19.60 -22.71
N ARG C 221 22.78 19.59 -21.42
CA ARG C 221 23.37 18.41 -20.77
C ARG C 221 22.28 17.73 -19.92
N TYR C 222 22.06 16.46 -20.15
CA TYR C 222 21.05 15.70 -19.43
C TYR C 222 21.73 14.76 -18.48
N ASN C 223 21.32 14.80 -17.23
CA ASN C 223 21.89 13.97 -16.19
C ASN C 223 20.84 13.34 -15.27
N LEU C 224 20.76 12.01 -15.32
CA LEU C 224 19.84 11.25 -14.51
C LEU C 224 20.59 10.46 -13.42
N ARG C 225 20.23 10.70 -12.17
CA ARG C 225 20.71 9.92 -11.04
C ARG C 225 19.46 9.42 -10.30
N GLY C 226 19.25 8.09 -10.28
CA GLY C 226 18.06 7.50 -9.69
C GLY C 226 16.79 8.11 -10.30
N ARG C 227 15.92 8.69 -9.46
CA ARG C 227 14.65 9.20 -9.96
C ARG C 227 14.80 10.64 -10.44
N ASN C 228 15.94 11.27 -10.19
CA ASN C 228 16.13 12.69 -10.46
C ASN C 228 16.79 12.95 -11.79
N LEU C 229 16.01 13.47 -12.75
CA LEU C 229 16.53 14.04 -14.01
C LEU C 229 16.80 15.56 -13.96
N ALA C 230 17.99 15.98 -14.36
CA ALA C 230 18.35 17.38 -14.44
C ALA C 230 18.83 17.68 -15.85
N VAL C 231 18.32 18.79 -16.40
CA VAL C 231 18.72 19.27 -17.71
C VAL C 231 19.25 20.68 -17.62
N HIS C 232 20.51 20.88 -18.01
CA HIS C 232 21.11 22.19 -18.07
C HIS C 232 21.10 22.71 -19.52
N ARG C 233 20.36 23.78 -19.72
CA ARG C 233 20.09 24.35 -21.03
C ARG C 233 20.54 25.82 -21.06
N SER C 234 20.49 26.45 -22.23
CA SER C 234 20.80 27.88 -22.27
C SER C 234 19.62 28.68 -21.64
N GLY C 235 19.91 29.36 -20.53
CA GLY C 235 18.92 30.23 -19.90
C GLY C 235 18.02 29.60 -18.84
N ALA C 236 18.24 28.30 -18.58
CA ALA C 236 17.36 27.54 -17.69
C ALA C 236 17.93 26.17 -17.36
N THR C 237 17.59 25.72 -16.15
CA THR C 237 17.74 24.34 -15.73
C THR C 237 16.32 23.73 -15.62
N GLU C 238 16.14 22.45 -15.99
CA GLU C 238 14.91 21.71 -15.77
C GLU C 238 15.19 20.52 -14.84
N HIS C 239 14.27 20.28 -13.90
CA HIS C 239 14.32 19.12 -12.96
C HIS C 239 13.01 18.33 -13.05
N ILE C 240 13.14 17.01 -13.12
CA ILE C 240 11.99 16.13 -13.00
C ILE C 240 12.35 15.07 -11.97
N ARG C 241 11.51 14.94 -10.95
CA ARG C 241 11.61 13.86 -10.00
C ARG C 241 10.56 12.84 -10.40
N PHE C 242 11.03 11.71 -10.94
CA PHE C 242 10.12 10.63 -11.33
C PHE C 242 9.54 9.95 -10.10
N ASP C 243 8.32 9.41 -10.23
CA ASP C 243 7.60 8.79 -9.11
C ASP C 243 7.92 7.32 -8.93
N SER C 244 8.23 6.64 -10.01
CA SER C 244 8.41 5.20 -9.96
C SER C 244 9.51 4.73 -10.89
N ALA C 245 9.93 3.50 -10.69
CA ALA C 245 10.89 2.83 -11.55
C ALA C 245 10.36 2.72 -12.94
N ALA C 246 9.04 2.60 -13.11
CA ALA C 246 8.47 2.42 -14.40
C ALA C 246 8.71 3.69 -15.25
N GLN C 247 8.58 4.84 -14.63
CA GLN C 247 8.81 6.09 -15.35
C GLN C 247 10.28 6.28 -15.61
N VAL C 248 11.15 5.82 -14.71
CA VAL C 248 12.60 5.89 -14.92
C VAL C 248 13.05 5.08 -16.14
N LEU C 249 12.51 3.88 -16.27
CA LEU C 249 12.81 3.01 -17.41
C LEU C 249 12.34 3.58 -18.72
N ASP C 250 11.16 4.16 -18.70
CA ASP C 250 10.61 4.79 -19.91
C ASP C 250 11.56 5.94 -20.34
N ALA C 251 12.02 6.71 -19.39
CA ALA C 251 13.03 7.71 -19.67
C ALA C 251 14.32 7.06 -20.31
N ILE C 252 14.82 5.97 -19.73
CA ILE C 252 16.00 5.32 -20.25
C ILE C 252 15.85 4.90 -21.70
N VAL C 253 14.71 4.30 -21.99
CA VAL C 253 14.43 3.77 -23.30
C VAL C 253 14.07 4.89 -24.27
N ASN C 254 13.21 5.82 -23.86
CA ASN C 254 12.66 6.79 -24.80
C ASN C 254 13.30 8.18 -24.81
N ARG C 255 13.68 8.74 -23.68
CA ARG C 255 14.51 9.97 -23.72
C ARG C 255 15.96 9.70 -24.10
N PHE C 256 16.57 8.72 -23.46
CA PHE C 256 17.99 8.45 -23.70
C PHE C 256 18.25 7.39 -24.76
N GLY C 257 17.24 6.68 -25.26
CA GLY C 257 17.40 5.80 -26.41
C GLY C 257 18.23 4.52 -26.16
N ILE C 258 18.22 4.01 -24.94
CA ILE C 258 18.95 2.77 -24.64
C ILE C 258 18.04 1.57 -24.90
N ASP C 259 18.51 0.66 -25.76
CA ASP C 259 17.87 -0.65 -26.00
C ASP C 259 18.18 -1.62 -24.85
N LEU C 260 17.16 -1.98 -24.09
CA LEU C 260 17.26 -2.88 -22.97
C LEU C 260 17.13 -4.33 -23.36
N GLY C 261 17.26 -4.63 -24.65
CA GLY C 261 16.94 -5.95 -25.15
C GLY C 261 17.97 -6.97 -24.71
N ASP C 262 19.24 -6.58 -24.58
CA ASP C 262 20.27 -7.51 -24.14
C ASP C 262 20.22 -7.73 -22.62
N LEU C 263 19.24 -7.13 -21.94
CA LEU C 263 19.09 -7.29 -20.49
C LEU C 263 17.83 -8.08 -20.17
N ALA C 264 17.20 -8.62 -21.23
CA ALA C 264 15.95 -9.38 -21.11
C ALA C 264 16.23 -10.66 -20.31
N GLY C 265 15.34 -10.93 -19.36
CA GLY C 265 15.55 -12.01 -18.42
C GLY C 265 15.99 -11.47 -17.07
N ARG C 266 16.42 -10.22 -16.99
CA ARG C 266 16.80 -9.64 -15.71
C ARG C 266 15.69 -8.70 -15.29
N ASP C 267 15.44 -8.58 -14.01
CA ASP C 267 14.38 -7.66 -13.60
C ASP C 267 14.97 -6.26 -13.41
N VAL C 268 14.99 -5.52 -14.51
CA VAL C 268 15.61 -4.22 -14.55
C VAL C 268 14.80 -3.27 -13.72
N GLN C 269 13.48 -3.29 -13.91
CA GLN C 269 12.59 -2.45 -13.16
C GLN C 269 12.76 -2.65 -11.69
N ALA C 270 12.82 -3.90 -11.22
CA ALA C 270 12.90 -4.13 -9.78
C ALA C 270 14.22 -3.63 -9.24
N ARG C 271 15.33 -3.75 -10.01
CA ARG C 271 16.61 -3.29 -9.47
C ARG C 271 16.64 -1.74 -9.45
N VAL C 272 16.14 -1.10 -10.50
CA VAL C 272 16.05 0.36 -10.50
C VAL C 272 15.17 0.89 -9.35
N ALA C 273 14.09 0.18 -9.03
CA ALA C 273 13.27 0.54 -7.87
C ALA C 273 14.06 0.61 -6.59
N GLU C 274 15.09 -0.23 -6.44
CA GLU C 274 15.84 -0.22 -5.19
C GLU C 274 16.78 0.97 -5.07
N VAL C 275 17.02 1.70 -6.17
CA VAL C 275 18.06 2.71 -6.16
C VAL C 275 17.56 4.07 -6.58
N LEU C 276 16.26 4.29 -6.50
CA LEU C 276 15.69 5.60 -6.85
C LEU C 276 16.29 6.70 -6.03
N ASP C 277 16.62 6.40 -4.79
CA ASP C 277 17.15 7.45 -3.91
C ASP C 277 18.62 7.35 -3.50
N THR C 278 19.39 6.53 -4.23
CA THR C 278 20.84 6.44 -3.97
C THR C 278 21.72 6.99 -5.14
N GLY D 9 -18.40 40.11 -28.76
CA GLY D 9 -17.63 39.69 -29.92
C GLY D 9 -16.13 39.70 -29.66
N GLY D 10 -15.67 40.71 -28.92
CA GLY D 10 -14.28 40.75 -28.48
C GLY D 10 -13.87 39.51 -27.67
N TYR D 11 -14.75 39.11 -26.75
CA TYR D 11 -14.42 38.10 -25.76
C TYR D 11 -14.47 36.73 -26.39
N LEU D 12 -15.43 36.52 -27.29
CA LEU D 12 -15.59 35.24 -27.93
C LEU D 12 -14.39 35.02 -28.81
N THR D 13 -13.95 36.06 -29.48
CA THR D 13 -12.74 36.03 -30.31
C THR D 13 -11.49 35.78 -29.49
N ARG D 14 -11.40 36.39 -28.29
CA ARG D 14 -10.22 36.23 -27.42
C ARG D 14 -10.05 34.83 -26.93
N ILE D 15 -11.16 34.15 -26.65
CA ILE D 15 -11.08 32.79 -26.13
C ILE D 15 -11.23 31.74 -27.26
N GLY D 16 -11.27 32.20 -28.52
CA GLY D 16 -11.37 31.32 -29.68
C GLY D 16 -12.70 30.61 -29.90
N LEU D 17 -13.80 31.35 -29.82
CA LEU D 17 -15.14 30.82 -30.14
C LEU D 17 -15.82 31.76 -31.16
N ASP D 18 -17.00 31.36 -31.62
CA ASP D 18 -17.80 32.25 -32.46
C ASP D 18 -19.30 31.97 -32.33
N GLY D 19 -20.10 32.85 -32.94
CA GLY D 19 -21.54 32.86 -32.75
C GLY D 19 -21.88 33.63 -31.48
N ARG D 20 -23.04 33.31 -30.91
CA ARG D 20 -23.42 33.71 -29.56
C ARG D 20 -23.99 32.41 -28.99
N PRO D 21 -23.17 31.64 -28.31
CA PRO D 21 -23.60 30.34 -27.79
C PRO D 21 -24.86 30.41 -26.92
N ARG D 22 -25.42 29.23 -26.67
CA ARG D 22 -26.72 29.10 -25.99
C ARG D 22 -26.52 28.96 -24.46
N PRO D 23 -27.40 29.55 -23.65
CA PRO D 23 -27.33 29.40 -22.19
C PRO D 23 -27.73 28.03 -21.62
N ASP D 24 -26.93 27.01 -21.87
CA ASP D 24 -27.10 25.70 -21.23
C ASP D 24 -25.74 25.16 -20.79
N LEU D 25 -25.75 23.98 -20.18
CA LEU D 25 -24.60 23.35 -19.53
C LEU D 25 -23.40 23.12 -20.45
N GLY D 26 -23.61 22.41 -21.56
CA GLY D 26 -22.56 22.24 -22.54
C GLY D 26 -21.86 23.53 -22.92
N THR D 27 -22.61 24.63 -23.04
CA THR D 27 -21.99 25.90 -23.39
C THR D 27 -21.06 26.39 -22.25
N LEU D 28 -21.46 26.13 -21.01
CA LEU D 28 -20.72 26.56 -19.82
C LEU D 28 -19.37 25.85 -19.81
N HIS D 29 -19.39 24.52 -20.00
CA HIS D 29 -18.20 23.69 -20.13
C HIS D 29 -17.27 24.22 -21.24
N ALA D 30 -17.85 24.63 -22.36
CA ALA D 30 -17.06 25.14 -23.48
C ALA D 30 -16.42 26.52 -23.19
N ILE D 31 -17.15 27.45 -22.55
CA ILE D 31 -16.59 28.79 -22.29
C ILE D 31 -15.46 28.69 -21.29
N VAL D 32 -15.60 27.78 -20.32
CA VAL D 32 -14.63 27.62 -19.25
C VAL D 32 -13.34 27.07 -19.82
N ALA D 33 -13.46 26.11 -20.73
CA ALA D 33 -12.29 25.51 -21.40
C ALA D 33 -11.57 26.51 -22.28
N ALA D 34 -12.30 27.30 -23.05
CA ALA D 34 -11.68 28.31 -23.91
C ALA D 34 -11.03 29.45 -23.08
N HIS D 35 -11.75 29.94 -22.07
CA HIS D 35 -11.16 30.90 -21.10
C HIS D 35 -9.83 30.38 -20.50
N ASN D 36 -9.85 29.18 -19.95
CA ASN D 36 -8.70 28.58 -19.29
C ASN D 36 -7.45 28.68 -20.14
N ARG D 37 -7.56 28.31 -21.43
CA ARG D 37 -6.39 28.25 -22.29
C ARG D 37 -6.10 29.55 -22.92
N SER D 38 -7.00 30.53 -22.91
CA SER D 38 -6.68 31.76 -23.63
C SER D 38 -6.26 32.96 -22.78
N ILE D 39 -6.85 33.12 -21.59
CA ILE D 39 -6.59 34.32 -20.78
C ILE D 39 -5.81 33.80 -19.58
N PRO D 40 -4.53 34.17 -19.48
CA PRO D 40 -3.71 33.69 -18.38
C PRO D 40 -4.01 34.43 -17.08
N PHE D 41 -3.76 33.74 -15.97
CA PHE D 41 -3.62 34.34 -14.67
C PHE D 41 -2.30 35.06 -14.62
N GLU D 42 -2.33 36.36 -14.29
CA GLU D 42 -1.14 37.17 -14.05
C GLU D 42 -1.42 38.28 -13.02
N ASN D 43 -0.38 38.75 -12.34
CA ASN D 43 -0.46 39.85 -11.39
C ASN D 43 0.54 40.94 -11.71
N LEU D 44 0.81 41.21 -12.97
CA LEU D 44 1.82 42.24 -13.31
C LEU D 44 1.39 43.61 -12.81
N ASP D 45 0.11 43.90 -12.86
CA ASP D 45 -0.37 45.22 -12.40
C ASP D 45 -0.01 45.46 -10.95
N PRO D 46 -0.46 44.62 -10.04
CA PRO D 46 -0.08 44.80 -8.65
C PRO D 46 1.43 44.71 -8.43
N LEU D 47 2.12 43.86 -9.18
CA LEU D 47 3.56 43.73 -9.00
C LEU D 47 4.23 45.07 -9.33
N LEU D 48 3.71 45.78 -10.32
CA LEU D 48 4.21 47.10 -10.70
C LEU D 48 3.60 48.30 -9.91
N GLY D 49 2.78 48.03 -8.91
CA GLY D 49 2.22 49.10 -8.08
C GLY D 49 0.99 49.72 -8.70
N ILE D 50 0.29 48.97 -9.54
CA ILE D 50 -0.93 49.40 -10.18
C ILE D 50 -2.03 48.57 -9.56
N PRO D 51 -2.88 49.21 -8.76
CA PRO D 51 -3.93 48.50 -8.08
C PRO D 51 -4.97 47.93 -9.05
N VAL D 52 -5.56 46.82 -8.70
CA VAL D 52 -6.77 46.38 -9.35
C VAL D 52 -7.93 46.93 -8.50
N ALA D 53 -8.35 48.14 -8.84
CA ALA D 53 -9.36 48.91 -8.07
C ALA D 53 -10.78 48.83 -8.65
N ASP D 54 -10.90 48.61 -9.96
CA ASP D 54 -12.15 48.82 -10.68
C ASP D 54 -12.54 47.49 -11.31
N LEU D 55 -13.65 46.95 -10.84
CA LEU D 55 -14.15 45.65 -11.28
C LEU D 55 -15.42 45.76 -12.16
N SER D 56 -15.65 46.93 -12.76
CA SER D 56 -16.72 47.10 -13.75
C SER D 56 -16.43 46.37 -15.06
N ALA D 57 -17.49 45.99 -15.77
CA ALA D 57 -17.42 45.44 -17.14
C ALA D 57 -16.49 46.25 -18.00
N GLU D 58 -16.67 47.57 -17.94
CA GLU D 58 -15.92 48.45 -18.84
C GLU D 58 -14.41 48.28 -18.57
N ALA D 59 -14.00 48.31 -17.30
CA ALA D 59 -12.57 48.13 -16.96
C ALA D 59 -12.08 46.71 -17.23
N LEU D 60 -12.90 45.67 -17.04
CA LEU D 60 -12.39 44.32 -17.15
C LEU D 60 -12.35 43.85 -18.64
N PHE D 61 -13.38 44.17 -19.45
CA PHE D 61 -13.36 43.88 -20.89
C PHE D 61 -12.17 44.64 -21.48
N ALA D 62 -12.02 45.89 -21.06
CA ALA D 62 -10.92 46.71 -21.56
C ALA D 62 -9.60 45.99 -21.40
N LYS D 63 -9.34 45.42 -20.21
CA LYS D 63 -7.98 44.93 -19.88
C LYS D 63 -7.72 43.54 -20.37
N LEU D 64 -8.64 42.62 -20.10
CA LEU D 64 -8.42 41.21 -20.36
C LEU D 64 -8.84 40.76 -21.79
N VAL D 65 -9.59 41.61 -22.49
CA VAL D 65 -10.01 41.33 -23.86
C VAL D 65 -9.32 42.28 -24.83
N ASP D 66 -9.69 43.56 -24.82
CA ASP D 66 -9.14 44.52 -25.78
C ASP D 66 -7.63 44.62 -25.70
N ARG D 67 -7.05 44.46 -24.51
CA ARG D 67 -5.62 44.70 -24.34
C ARG D 67 -4.79 43.42 -24.23
N ARG D 68 -5.45 42.28 -24.33
CA ARG D 68 -4.72 41.00 -24.30
C ARG D 68 -3.84 40.79 -23.06
N ARG D 69 -4.30 41.25 -21.91
CA ARG D 69 -3.60 41.00 -20.64
C ARG D 69 -4.34 39.88 -20.00
N GLY D 70 -3.75 39.24 -19.01
CA GLY D 70 -4.48 38.41 -18.06
C GLY D 70 -4.85 39.19 -16.80
N GLY D 71 -5.08 38.47 -15.70
CA GLY D 71 -5.41 39.11 -14.45
C GLY D 71 -5.51 38.09 -13.36
N TYR D 72 -5.97 38.51 -12.20
CA TYR D 72 -6.12 37.56 -11.13
C TYR D 72 -7.61 37.32 -10.89
N CYS D 73 -7.98 36.70 -9.77
CA CYS D 73 -9.32 36.15 -9.64
C CYS D 73 -10.44 37.16 -9.83
N TYR D 74 -10.32 38.34 -9.22
CA TYR D 74 -11.40 39.30 -9.31
C TYR D 74 -11.60 39.73 -10.77
N GLU D 75 -10.54 39.65 -11.57
CA GLU D 75 -10.61 40.10 -12.95
C GLU D 75 -11.20 38.99 -13.87
N HIS D 76 -10.77 37.78 -13.63
CA HIS D 76 -11.19 36.66 -14.42
C HIS D 76 -12.63 36.36 -14.15
N ASN D 77 -12.96 36.14 -12.89
CA ASN D 77 -14.31 35.76 -12.54
C ASN D 77 -15.30 36.85 -12.67
N GLY D 78 -14.85 38.08 -12.48
CA GLY D 78 -15.68 39.23 -12.73
C GLY D 78 -16.06 39.23 -14.23
N LEU D 79 -15.06 39.17 -15.10
CA LEU D 79 -15.25 39.24 -16.56
C LEU D 79 -16.15 38.13 -16.98
N LEU D 80 -15.85 36.91 -16.56
CA LEU D 80 -16.67 35.79 -16.95
C LEU D 80 -18.12 35.95 -16.44
N GLY D 81 -18.28 36.62 -15.30
CA GLY D 81 -19.59 36.76 -14.69
C GLY D 81 -20.43 37.63 -15.59
N TYR D 82 -19.86 38.73 -16.05
CA TYR D 82 -20.55 39.63 -16.93
C TYR D 82 -20.89 38.96 -18.28
N VAL D 83 -20.06 38.01 -18.70
CA VAL D 83 -20.26 37.31 -19.97
C VAL D 83 -21.39 36.31 -19.83
N LEU D 84 -21.34 35.48 -18.79
CA LEU D 84 -22.40 34.53 -18.56
C LEU D 84 -23.79 35.26 -18.36
N GLU D 85 -23.78 36.44 -17.73
CA GLU D 85 -25.00 37.23 -17.53
C GLU D 85 -25.56 37.65 -18.85
N GLU D 86 -24.69 38.16 -19.72
CA GLU D 86 -25.16 38.66 -20.98
C GLU D 86 -25.64 37.54 -21.92
N LEU D 87 -25.22 36.30 -21.67
CA LEU D 87 -25.65 35.13 -22.45
C LEU D 87 -26.97 34.52 -21.91
N GLY D 88 -27.45 35.05 -20.79
CA GLY D 88 -28.71 34.64 -20.19
C GLY D 88 -28.57 33.54 -19.15
N PHE D 89 -27.36 33.33 -18.64
CA PHE D 89 -27.20 32.61 -17.39
C PHE D 89 -27.56 33.57 -16.23
N GLU D 90 -27.97 33.02 -15.07
CA GLU D 90 -28.12 33.81 -13.83
C GLU D 90 -26.84 33.69 -12.95
N VAL D 91 -26.23 34.83 -12.63
CA VAL D 91 -24.92 34.84 -11.97
C VAL D 91 -24.87 35.57 -10.60
N GLU D 92 -24.43 34.84 -9.59
CA GLU D 92 -24.02 35.44 -8.31
C GLU D 92 -22.50 35.33 -7.95
N ARG D 93 -21.92 36.47 -7.57
CA ARG D 93 -20.55 36.53 -7.10
C ARG D 93 -20.43 36.14 -5.62
N LEU D 94 -19.55 35.19 -5.34
CA LEU D 94 -19.23 34.77 -4.01
C LEU D 94 -17.78 35.15 -3.65
N SER D 95 -17.48 35.19 -2.35
CA SER D 95 -16.11 35.46 -1.90
C SER D 95 -15.69 34.33 -1.05
N GLY D 96 -14.41 34.08 -1.00
CA GLY D 96 -13.89 33.01 -0.19
C GLY D 96 -12.52 33.28 0.31
N ARG D 97 -12.09 32.39 1.18
CA ARG D 97 -10.85 32.49 1.83
C ARG D 97 -9.92 31.40 1.33
N VAL D 98 -8.67 31.74 1.02
CA VAL D 98 -7.73 30.74 0.48
C VAL D 98 -6.98 30.01 1.55
N VAL D 99 -7.25 28.70 1.67
CA VAL D 99 -6.62 27.80 2.66
C VAL D 99 -5.55 26.84 2.09
N TRP D 100 -5.29 26.94 0.80
CA TRP D 100 -4.31 26.07 0.13
C TRP D 100 -2.98 25.99 0.84
N MET D 101 -2.64 24.80 1.35
CA MET D 101 -1.34 24.52 2.01
C MET D 101 -1.10 25.25 3.34
N ARG D 102 -2.13 25.77 3.98
CA ARG D 102 -1.93 26.49 5.24
C ARG D 102 -1.83 25.53 6.42
N ALA D 103 -0.90 25.78 7.34
CA ALA D 103 -0.81 24.95 8.54
C ALA D 103 -2.19 24.89 9.25
N ASP D 104 -2.46 23.76 9.92
CA ASP D 104 -3.67 23.56 10.75
C ASP D 104 -3.56 24.52 11.95
N ASP D 105 -4.56 25.33 12.21
CA ASP D 105 -4.41 26.44 13.18
C ASP D 105 -3.41 27.58 12.75
N ALA D 106 -3.21 27.76 11.43
CA ALA D 106 -2.79 29.09 10.94
C ALA D 106 -3.97 30.03 11.23
N PRO D 107 -3.74 31.32 11.35
CA PRO D 107 -4.88 32.23 11.53
C PRO D 107 -5.84 32.20 10.34
N LEU D 108 -7.08 32.57 10.57
CA LEU D 108 -8.06 32.69 9.52
C LEU D 108 -7.60 33.64 8.37
N PRO D 109 -7.66 33.19 7.12
CA PRO D 109 -7.24 34.05 6.00
C PRO D 109 -8.24 35.18 5.64
N ALA D 110 -7.78 36.23 5.02
CA ALA D 110 -8.71 37.23 4.49
C ALA D 110 -9.58 36.65 3.37
N GLN D 111 -10.75 37.25 3.17
CA GLN D 111 -11.53 37.01 1.97
C GLN D 111 -10.85 37.63 0.76
N THR D 112 -9.99 36.88 0.10
CA THR D 112 -9.17 37.35 -1.03
C THR D 112 -9.52 36.65 -2.36
N HIS D 113 -10.47 35.72 -2.34
CA HIS D 113 -10.90 34.99 -3.56
C HIS D 113 -12.38 35.28 -3.96
N ASN D 114 -12.63 35.22 -5.26
CA ASN D 114 -13.91 35.59 -5.85
C ASN D 114 -14.28 34.50 -6.86
N VAL D 115 -15.43 33.87 -6.69
CA VAL D 115 -15.89 32.78 -7.59
C VAL D 115 -17.32 33.06 -7.99
N LEU D 116 -17.81 32.35 -9.00
CA LEU D 116 -19.18 32.50 -9.47
C LEU D 116 -20.02 31.31 -9.07
N SER D 117 -21.30 31.58 -8.78
CA SER D 117 -22.33 30.56 -8.61
C SER D 117 -23.42 30.84 -9.62
N VAL D 118 -23.65 29.83 -10.46
CA VAL D 118 -24.32 30.02 -11.75
C VAL D 118 -25.45 29.01 -11.88
N ALA D 119 -26.60 29.53 -12.26
CA ALA D 119 -27.79 28.73 -12.56
C ALA D 119 -27.92 28.65 -14.08
N VAL D 120 -28.23 27.44 -14.55
CA VAL D 120 -28.58 27.19 -15.96
C VAL D 120 -30.10 27.20 -16.09
N PRO D 121 -30.64 27.89 -17.10
CA PRO D 121 -32.04 27.66 -17.52
C PRO D 121 -32.22 26.28 -18.24
N GLY D 122 -32.09 25.20 -17.47
CA GLY D 122 -32.11 23.83 -17.99
C GLY D 122 -31.63 22.72 -17.03
N ALA D 123 -31.16 23.07 -15.83
CA ALA D 123 -30.58 22.08 -14.88
C ALA D 123 -31.01 22.27 -13.41
N ASP D 124 -30.93 21.18 -12.65
CA ASP D 124 -31.24 21.20 -11.20
C ASP D 124 -30.05 21.78 -10.41
N GLY D 125 -30.35 22.54 -9.33
CA GLY D 125 -29.32 23.12 -8.46
C GLY D 125 -28.51 24.27 -9.09
N ARG D 126 -27.29 24.48 -8.59
CA ARG D 126 -26.43 25.58 -9.04
C ARG D 126 -25.00 25.10 -9.37
N TYR D 127 -24.29 25.85 -10.21
CA TYR D 127 -22.87 25.52 -10.54
C TYR D 127 -21.76 26.53 -10.09
N LEU D 128 -20.75 26.00 -9.40
CA LEU D 128 -19.53 26.75 -9.10
C LEU D 128 -18.67 26.86 -10.35
N VAL D 129 -18.39 28.08 -10.76
CA VAL D 129 -17.50 28.38 -11.86
C VAL D 129 -16.37 29.25 -11.30
N ASP D 130 -15.13 28.86 -11.59
CA ASP D 130 -13.95 29.57 -11.08
C ASP D 130 -12.77 29.40 -12.03
N VAL D 131 -12.54 30.39 -12.86
CA VAL D 131 -11.38 30.36 -13.76
C VAL D 131 -10.25 31.29 -13.31
N GLY D 132 -10.31 31.73 -12.04
CA GLY D 132 -9.40 32.77 -11.54
C GLY D 132 -8.46 32.36 -10.46
N PHE D 133 -8.43 31.09 -10.14
CA PHE D 133 -7.56 30.63 -9.08
C PHE D 133 -6.08 30.45 -9.49
N GLY D 134 -5.76 30.58 -10.77
CA GLY D 134 -4.40 30.39 -11.22
C GLY D 134 -4.16 28.94 -11.63
N GLY D 135 -3.05 28.38 -11.19
CA GLY D 135 -2.55 27.13 -11.73
C GLY D 135 -3.41 25.95 -11.42
N GLN D 136 -4.05 26.00 -10.25
CA GLN D 136 -4.92 24.93 -9.79
C GLN D 136 -6.39 25.32 -9.92
N THR D 137 -6.71 26.22 -10.84
CA THR D 137 -8.11 26.58 -11.01
C THR D 137 -8.97 25.42 -11.61
N LEU D 138 -10.27 25.56 -11.45
CA LEU D 138 -11.24 24.61 -11.92
C LEU D 138 -11.27 24.73 -13.42
N THR D 139 -11.18 23.60 -14.12
CA THR D 139 -11.19 23.61 -15.59
C THR D 139 -12.55 23.15 -16.19
N SER D 140 -13.51 22.86 -15.30
CA SER D 140 -14.94 22.68 -15.64
C SER D 140 -15.82 23.32 -14.57
N PRO D 141 -17.07 23.64 -14.91
CA PRO D 141 -18.07 23.94 -13.89
C PRO D 141 -18.34 22.68 -13.12
N ILE D 142 -18.60 22.80 -11.82
CA ILE D 142 -19.03 21.66 -11.02
C ILE D 142 -20.34 22.00 -10.33
N ARG D 143 -21.03 21.01 -9.82
CA ARG D 143 -22.33 21.26 -9.24
C ARG D 143 -22.08 21.74 -7.83
N LEU D 144 -22.63 22.91 -7.51
CA LEU D 144 -22.50 23.48 -6.15
C LEU D 144 -23.31 22.63 -5.21
N GLU D 145 -22.69 21.54 -4.77
CA GLU D 145 -23.31 20.47 -4.03
C GLU D 145 -22.27 19.78 -3.21
N ALA D 146 -22.42 19.81 -1.91
CA ALA D 146 -21.53 19.09 -1.01
C ALA D 146 -21.79 17.59 -1.07
N GLY D 147 -20.77 16.79 -0.80
CA GLY D 147 -20.83 15.33 -0.86
C GLY D 147 -19.96 14.71 -1.95
N PRO D 148 -20.41 14.76 -3.21
CA PRO D 148 -19.76 14.02 -4.29
C PRO D 148 -18.34 14.43 -4.66
N VAL D 149 -17.45 13.43 -4.83
CA VAL D 149 -16.29 13.60 -5.70
C VAL D 149 -16.85 13.85 -7.11
N GLN D 150 -16.47 14.97 -7.74
CA GLN D 150 -16.83 15.33 -9.13
C GLN D 150 -15.63 15.42 -10.10
N GLN D 151 -15.83 14.96 -11.34
CA GLN D 151 -14.80 14.90 -12.38
C GLN D 151 -14.74 16.20 -13.18
N THR D 152 -13.53 16.66 -13.48
CA THR D 152 -13.31 17.79 -14.38
C THR D 152 -12.46 17.33 -15.58
N ARG D 153 -12.13 18.26 -16.48
CA ARG D 153 -11.16 18.05 -17.55
C ARG D 153 -9.77 17.64 -17.06
N HIS D 154 -9.54 17.62 -15.74
CA HIS D 154 -8.24 17.33 -15.16
C HIS D 154 -8.33 16.46 -13.92
N GLU D 155 -8.11 17.04 -12.74
CA GLU D 155 -8.20 16.29 -11.49
C GLU D 155 -9.68 16.24 -11.08
N PRO D 156 -10.01 15.30 -10.19
CA PRO D 156 -11.27 15.34 -9.47
C PRO D 156 -11.25 16.46 -8.41
N TYR D 157 -12.36 17.15 -8.23
CA TYR D 157 -12.57 18.12 -7.12
C TYR D 157 -13.78 17.66 -6.29
N ARG D 158 -13.97 18.28 -5.12
CA ARG D 158 -14.97 17.86 -4.13
C ARG D 158 -15.34 19.08 -3.26
N LEU D 159 -16.63 19.40 -3.18
CA LEU D 159 -17.17 20.31 -2.17
C LEU D 159 -17.60 19.57 -0.89
N THR D 160 -17.27 20.16 0.26
CA THR D 160 -17.81 19.77 1.56
C THR D 160 -18.42 21.01 2.29
N ARG D 161 -19.04 20.82 3.47
CA ARG D 161 -19.85 21.85 4.16
C ARG D 161 -19.84 21.65 5.67
N HIS D 162 -19.85 22.77 6.44
CA HIS D 162 -20.35 22.82 7.83
C HIS D 162 -21.18 24.12 8.00
N GLY D 163 -22.50 23.96 8.04
CA GLY D 163 -23.39 25.09 7.89
C GLY D 163 -23.39 25.49 6.44
N ASP D 164 -23.37 26.80 6.15
CA ASP D 164 -23.23 27.34 4.77
C ASP D 164 -21.75 27.61 4.34
N ASP D 165 -20.77 27.18 5.13
CA ASP D 165 -19.34 27.30 4.79
C ASP D 165 -18.83 26.05 3.96
N HIS D 166 -18.62 26.29 2.67
CA HIS D 166 -18.16 25.29 1.72
C HIS D 166 -16.64 25.34 1.57
N THR D 167 -16.02 24.17 1.52
CA THR D 167 -14.60 24.00 1.23
C THR D 167 -14.53 23.28 -0.11
N LEU D 168 -13.73 23.82 -1.02
CA LEU D 168 -13.45 23.21 -2.33
C LEU D 168 -12.10 22.56 -2.20
N ALA D 169 -12.01 21.28 -2.52
CA ALA D 169 -10.77 20.55 -2.46
C ALA D 169 -10.57 19.86 -3.80
N ALA D 170 -9.31 19.71 -4.19
CA ALA D 170 -8.91 19.04 -5.42
C ALA D 170 -7.96 17.89 -5.05
N GLN D 171 -8.17 16.74 -5.73
CA GLN D 171 -7.25 15.60 -5.65
C GLN D 171 -6.05 15.76 -6.62
N VAL D 172 -4.92 16.17 -6.05
CA VAL D 172 -3.65 16.44 -6.74
C VAL D 172 -2.66 15.35 -6.37
N ARG D 173 -2.16 14.61 -7.36
CA ARG D 173 -1.29 13.44 -7.18
C ARG D 173 -1.83 12.53 -6.09
N GLY D 174 -3.13 12.25 -6.13
CA GLY D 174 -3.71 11.28 -5.21
C GLY D 174 -4.00 11.69 -3.75
N GLU D 175 -3.73 12.95 -3.38
CA GLU D 175 -4.07 13.47 -2.04
C GLU D 175 -5.08 14.60 -2.13
N TRP D 176 -6.04 14.60 -1.22
CA TRP D 176 -7.00 15.68 -1.15
C TRP D 176 -6.32 16.91 -0.53
N GLN D 177 -6.41 18.01 -1.28
CA GLN D 177 -5.83 19.29 -0.87
C GLN D 177 -6.93 20.35 -0.93
N PRO D 178 -7.34 20.85 0.23
CA PRO D 178 -8.33 21.94 0.27
C PRO D 178 -7.73 23.22 -0.38
N LEU D 179 -8.50 23.93 -1.20
CA LEU D 179 -8.04 25.11 -1.91
C LEU D 179 -8.54 26.38 -1.23
N TYR D 180 -9.84 26.45 -1.03
CA TYR D 180 -10.48 27.61 -0.44
C TYR D 180 -11.87 27.31 0.13
N THR D 181 -12.34 28.21 1.02
CA THR D 181 -13.67 28.20 1.65
C THR D 181 -14.47 29.34 1.14
N PHE D 182 -15.78 29.19 1.10
CA PHE D 182 -16.64 30.27 0.69
C PHE D 182 -18.05 30.04 1.27
N THR D 183 -18.88 31.07 1.34
CA THR D 183 -20.31 30.93 1.62
C THR D 183 -21.07 31.27 0.37
N THR D 184 -22.37 30.99 0.35
CA THR D 184 -23.20 31.30 -0.83
C THR D 184 -23.81 32.68 -0.80
N GLU D 185 -23.38 33.52 0.14
CA GLU D 185 -23.95 34.87 0.22
C GLU D 185 -23.47 35.66 -0.99
N PRO D 186 -24.38 36.12 -1.82
CA PRO D 186 -23.99 36.98 -2.93
C PRO D 186 -23.34 38.29 -2.48
N ARG D 187 -22.31 38.72 -3.18
CA ARG D 187 -21.52 39.90 -2.82
C ARG D 187 -21.75 40.99 -3.84
N PRO D 188 -21.98 42.23 -3.41
CA PRO D 188 -22.05 43.34 -4.36
C PRO D 188 -20.66 43.72 -4.80
N ARG D 189 -20.57 44.41 -5.93
CA ARG D 189 -19.32 44.72 -6.54
C ARG D 189 -18.42 45.46 -5.55
N ILE D 190 -18.97 46.40 -4.77
CA ILE D 190 -18.16 47.28 -3.93
C ILE D 190 -17.37 46.45 -2.90
N ASP D 191 -18.00 45.42 -2.37
CA ASP D 191 -17.36 44.52 -1.45
C ASP D 191 -16.20 43.76 -2.14
N LEU D 192 -16.41 43.33 -3.37
CA LEU D 192 -15.31 42.70 -4.12
C LEU D 192 -14.20 43.69 -4.41
N GLU D 193 -14.54 44.95 -4.70
CA GLU D 193 -13.54 45.98 -4.97
C GLU D 193 -12.68 46.32 -3.75
N VAL D 194 -13.25 46.20 -2.55
CA VAL D 194 -12.51 46.46 -1.32
C VAL D 194 -11.52 45.31 -1.13
N GLY D 195 -11.99 44.09 -1.33
CA GLY D 195 -11.17 42.89 -1.28
C GLY D 195 -10.02 43.01 -2.28
N SER D 196 -10.32 43.38 -3.52
CA SER D 196 -9.29 43.51 -4.57
C SER D 196 -8.32 44.66 -4.29
N TRP D 197 -8.78 45.79 -3.73
CA TRP D 197 -7.86 46.77 -3.20
C TRP D 197 -6.83 46.18 -2.24
N TYR D 198 -7.29 45.37 -1.28
CA TYR D 198 -6.39 44.73 -0.33
C TYR D 198 -5.36 43.82 -1.03
N VAL D 199 -5.82 42.95 -1.91
CA VAL D 199 -4.94 41.96 -2.53
C VAL D 199 -3.90 42.59 -3.47
N SER D 200 -4.24 43.70 -4.07
CA SER D 200 -3.39 44.31 -5.04
C SER D 200 -2.54 45.43 -4.49
N THR D 201 -2.73 45.83 -3.22
CA THR D 201 -1.92 46.87 -2.61
C THR D 201 -1.29 46.62 -1.23
N HIS D 202 -1.72 45.62 -0.50
CA HIS D 202 -1.18 45.41 0.84
C HIS D 202 0.19 44.81 0.72
N PRO D 203 1.19 45.41 1.36
CA PRO D 203 2.59 44.99 1.22
C PRO D 203 2.88 43.54 1.50
N GLY D 204 2.07 42.85 2.31
CA GLY D 204 2.23 41.42 2.54
C GLY D 204 1.43 40.53 1.56
N SER D 205 0.75 41.14 0.59
CA SER D 205 0.03 40.31 -0.39
C SER D 205 1.07 39.57 -1.22
N HIS D 206 0.84 38.27 -1.31
CA HIS D 206 1.48 37.36 -2.26
C HIS D 206 1.59 38.03 -3.64
N PHE D 207 0.52 38.73 -4.04
CA PHE D 207 0.47 39.33 -5.36
C PHE D 207 1.10 40.70 -5.49
N VAL D 208 1.61 41.21 -4.38
CA VAL D 208 2.40 42.43 -4.39
C VAL D 208 3.90 42.15 -4.28
N THR D 209 4.28 41.10 -3.57
CA THR D 209 5.70 40.84 -3.30
C THR D 209 6.38 39.95 -4.38
N GLY D 210 5.60 39.35 -5.27
CA GLY D 210 6.18 38.50 -6.32
C GLY D 210 5.33 38.42 -7.56
N LEU D 211 5.82 37.61 -8.52
CA LEU D 211 5.23 37.37 -9.81
C LEU D 211 4.57 35.98 -9.86
N THR D 212 3.31 35.94 -10.30
CA THR D 212 2.56 34.72 -10.48
C THR D 212 1.89 34.79 -11.86
N VAL D 213 2.22 33.82 -12.71
CA VAL D 213 1.60 33.69 -14.01
C VAL D 213 1.13 32.20 -14.13
N ALA D 214 -0.04 31.98 -14.72
CA ALA D 214 -0.57 30.64 -14.90
C ALA D 214 -1.52 30.57 -16.08
N VAL D 215 -1.58 29.37 -16.66
CA VAL D 215 -2.52 29.05 -17.71
C VAL D 215 -2.77 27.56 -17.68
N VAL D 216 -3.90 27.14 -18.22
CA VAL D 216 -4.25 25.72 -18.20
C VAL D 216 -4.71 25.29 -19.59
N THR D 217 -3.99 24.35 -20.19
CA THR D 217 -4.37 23.72 -21.45
C THR D 217 -5.05 22.39 -21.14
N ASP D 218 -5.50 21.71 -22.21
CA ASP D 218 -6.04 20.34 -22.11
C ASP D 218 -5.06 19.41 -21.42
N ASP D 219 -3.77 19.54 -21.71
CA ASP D 219 -2.74 18.58 -21.24
C ASP D 219 -2.00 18.96 -19.98
N ALA D 220 -1.93 20.25 -19.69
CA ALA D 220 -1.09 20.71 -18.63
C ALA D 220 -1.56 22.01 -17.91
N ARG D 221 -1.29 22.04 -16.61
CA ARG D 221 -1.32 23.30 -15.79
C ARG D 221 0.11 23.91 -15.64
N TYR D 222 0.31 25.09 -16.22
CA TYR D 222 1.55 25.85 -16.12
C TYR D 222 1.44 26.85 -14.96
N ASN D 223 2.30 26.74 -13.96
CA ASN D 223 2.41 27.75 -12.91
C ASN D 223 3.80 28.41 -12.73
N LEU D 224 3.88 29.71 -13.00
CA LEU D 224 5.09 30.46 -12.76
C LEU D 224 5.04 31.27 -11.47
N ARG D 225 6.02 31.04 -10.60
CA ARG D 225 6.30 31.94 -9.50
C ARG D 225 7.76 32.44 -9.57
N GLY D 226 7.94 33.74 -9.84
CA GLY D 226 9.25 34.31 -9.99
C GLY D 226 10.02 33.62 -11.16
N ARG D 227 11.18 33.09 -10.85
CA ARG D 227 11.97 32.38 -11.85
C ARG D 227 11.58 30.89 -12.06
N ASN D 228 10.64 30.37 -11.26
CA ASN D 228 10.32 28.96 -11.26
C ASN D 228 9.04 28.65 -11.95
N LEU D 229 9.15 27.93 -13.06
CA LEU D 229 8.00 27.46 -13.80
C LEU D 229 7.74 26.04 -13.43
N ALA D 230 6.47 25.71 -13.22
CA ALA D 230 6.08 24.34 -12.86
C ALA D 230 5.08 23.87 -13.89
N VAL D 231 5.32 22.72 -14.48
CA VAL D 231 4.45 22.22 -15.56
C VAL D 231 3.85 20.89 -15.15
N HIS D 232 2.54 20.88 -14.96
CA HIS D 232 1.83 19.76 -14.41
C HIS D 232 1.05 19.05 -15.54
N ARG D 233 1.60 17.89 -15.93
CA ARG D 233 1.01 16.96 -16.87
C ARG D 233 0.70 15.73 -16.07
N SER D 234 -0.28 14.92 -16.52
CA SER D 234 -0.57 13.63 -15.85
C SER D 234 0.72 12.81 -15.87
N GLY D 235 0.99 12.12 -14.77
CA GLY D 235 2.21 11.34 -14.65
C GLY D 235 3.41 12.05 -14.01
N ALA D 236 3.77 13.26 -14.48
CA ALA D 236 5.01 13.97 -14.03
C ALA D 236 4.94 15.52 -14.04
N THR D 237 5.62 16.14 -13.07
CA THR D 237 5.85 17.59 -13.05
C THR D 237 7.27 17.97 -13.43
N GLU D 238 7.42 18.84 -14.45
CA GLU D 238 8.71 19.46 -14.75
C GLU D 238 8.83 20.78 -14.01
N HIS D 239 9.97 21.00 -13.41
CA HIS D 239 10.28 22.23 -12.74
C HIS D 239 11.42 22.92 -13.50
N ILE D 240 11.08 24.02 -14.15
CA ILE D 240 12.03 24.85 -14.84
C ILE D 240 12.49 26.08 -14.01
N ARG D 241 13.78 26.26 -13.86
CA ARG D 241 14.37 27.42 -13.18
C ARG D 241 15.06 28.37 -14.17
N PHE D 242 14.52 29.58 -14.28
CA PHE D 242 15.04 30.54 -15.23
C PHE D 242 16.23 31.24 -14.59
N ASP D 243 17.24 31.51 -15.40
CA ASP D 243 18.51 32.11 -14.96
C ASP D 243 18.34 33.58 -14.65
N SER D 244 17.58 34.28 -15.53
CA SER D 244 17.44 35.74 -15.38
C SER D 244 16.04 36.24 -15.75
N ALA D 245 15.83 37.51 -15.46
CA ALA D 245 14.60 38.14 -15.80
C ALA D 245 14.31 38.17 -17.29
N ALA D 246 15.33 38.22 -18.16
CA ALA D 246 15.07 38.18 -19.63
C ALA D 246 14.31 36.92 -20.08
N GLN D 247 14.67 35.76 -19.50
CA GLN D 247 14.00 34.49 -19.91
C GLN D 247 12.59 34.43 -19.30
N VAL D 248 12.48 34.86 -18.03
CA VAL D 248 11.15 35.02 -17.41
C VAL D 248 10.26 35.88 -18.32
N LEU D 249 10.74 37.03 -18.81
CA LEU D 249 9.89 37.89 -19.66
C LEU D 249 9.52 37.20 -20.97
N ASP D 250 10.48 36.44 -21.49
CA ASP D 250 10.33 35.76 -22.76
C ASP D 250 9.20 34.76 -22.59
N ALA D 251 9.20 34.08 -21.45
CA ALA D 251 8.09 33.17 -21.10
C ALA D 251 6.75 33.88 -20.96
N ILE D 252 6.73 35.01 -20.28
CA ILE D 252 5.47 35.74 -20.12
C ILE D 252 4.86 36.10 -21.46
N VAL D 253 5.69 36.44 -22.45
CA VAL D 253 5.23 36.85 -23.77
C VAL D 253 4.92 35.66 -24.71
N ASN D 254 5.79 34.65 -24.75
CA ASN D 254 5.66 33.52 -25.70
C ASN D 254 4.85 32.36 -25.20
N ARG D 255 5.15 31.85 -24.01
CA ARG D 255 4.38 30.74 -23.44
C ARG D 255 2.99 31.18 -23.00
N PHE D 256 2.91 32.29 -22.30
CA PHE D 256 1.69 32.71 -21.66
C PHE D 256 0.93 33.73 -22.53
N GLY D 257 1.58 34.26 -23.56
CA GLY D 257 0.88 35.08 -24.53
C GLY D 257 0.39 36.44 -24.02
N ILE D 258 1.14 37.03 -23.09
CA ILE D 258 0.76 38.30 -22.50
C ILE D 258 1.43 39.42 -23.24
N ASP D 259 0.63 40.37 -23.71
CA ASP D 259 1.17 41.54 -24.40
C ASP D 259 1.70 42.54 -23.39
N LEU D 260 3.03 42.61 -23.25
CA LEU D 260 3.66 43.56 -22.33
C LEU D 260 3.59 45.00 -22.84
N GLY D 261 2.87 45.20 -23.95
CA GLY D 261 2.95 46.43 -24.75
C GLY D 261 2.29 47.66 -24.16
N ASP D 262 1.17 47.49 -23.44
CA ASP D 262 0.58 48.64 -22.72
C ASP D 262 1.04 48.60 -21.27
N LEU D 263 2.11 47.86 -21.01
CA LEU D 263 2.88 48.04 -19.78
C LEU D 263 4.17 48.74 -20.16
N ALA D 264 4.20 49.28 -21.37
CA ALA D 264 5.40 49.93 -21.85
C ALA D 264 5.65 51.14 -21.00
N GLY D 265 6.93 51.42 -20.81
CA GLY D 265 7.34 52.56 -20.02
C GLY D 265 7.82 52.11 -18.66
N ARG D 266 6.86 51.57 -17.90
CA ARG D 266 7.13 50.92 -16.60
C ARG D 266 8.20 49.89 -16.84
N ASP D 267 9.23 49.81 -16.02
CA ASP D 267 10.33 48.90 -16.36
C ASP D 267 10.04 47.49 -15.86
N VAL D 268 9.26 46.77 -16.67
CA VAL D 268 8.78 45.46 -16.26
C VAL D 268 9.97 44.55 -15.92
N GLN D 269 10.98 44.52 -16.79
CA GLN D 269 12.10 43.63 -16.57
C GLN D 269 12.85 43.87 -15.26
N ALA D 270 13.14 45.14 -14.96
CA ALA D 270 13.89 45.45 -13.72
C ALA D 270 13.10 45.08 -12.46
N ARG D 271 11.79 45.28 -12.52
CA ARG D 271 10.92 44.82 -11.41
C ARG D 271 10.90 43.27 -11.28
N VAL D 272 10.73 42.61 -12.40
CA VAL D 272 10.70 41.14 -12.41
C VAL D 272 12.04 40.64 -11.85
N ALA D 273 13.12 41.34 -12.20
CA ALA D 273 14.46 40.97 -11.73
C ALA D 273 14.55 40.97 -10.21
N GLU D 274 13.87 41.91 -9.54
CA GLU D 274 13.84 42.00 -8.06
C GLU D 274 13.06 40.88 -7.34
N VAL D 275 12.13 40.21 -8.02
CA VAL D 275 11.28 39.24 -7.36
C VAL D 275 11.49 37.80 -7.86
N LEU D 276 12.60 37.57 -8.54
CA LEU D 276 12.92 36.24 -9.05
C LEU D 276 12.80 35.18 -7.95
N ASP D 277 13.22 35.51 -6.74
CA ASP D 277 13.25 34.52 -5.68
C ASP D 277 12.29 34.79 -4.53
C2 ISZ E . 8.54 -31.74 14.24
C4 ISZ E . 8.49 -30.54 14.94
N1 ISZ E . 9.33 -30.31 15.97
C5 ISZ E . 10.21 -31.21 16.39
C3 ISZ E . 10.31 -32.44 15.72
C1 ISZ E . 9.46 -32.71 14.62
C6 ISZ E . 9.51 -34.11 13.92
O1 ISZ E . 8.60 -34.51 13.22
N2 ISZ E . 10.53 -34.90 14.22
N3 ISZ E . 10.56 -36.03 13.71
C2 ISZ F . -27.77 -8.32 28.51
C4 ISZ F . -27.03 -9.30 29.14
N1 ISZ F . -26.55 -9.10 30.37
C5 ISZ F . -26.72 -7.94 31.04
C3 ISZ F . -27.45 -6.90 30.47
C1 ISZ F . -27.99 -7.12 29.20
C6 ISZ F . -28.73 -6.00 28.45
O1 ISZ F . -28.91 -6.13 27.27
N2 ISZ F . -29.08 -4.89 29.12
N3 ISZ F . -29.64 -4.00 28.47
C2 ISZ G . 32.35 9.19 -14.66
C4 ISZ G . 32.10 10.29 -13.85
N1 ISZ G . 32.66 10.38 -12.63
C5 ISZ G . 33.46 9.44 -12.16
C3 ISZ G . 33.77 8.31 -12.91
C1 ISZ G . 33.22 8.20 -14.19
C6 ISZ G . 33.45 6.94 -15.02
O1 ISZ G . 32.77 6.75 -16.02
N2 ISZ G . 34.34 6.05 -14.52
N3 ISZ G . 34.54 4.99 -15.11
C2 ISZ H . -5.61 33.18 -6.62
C4 ISZ H . -5.05 32.04 -6.02
N1 ISZ H . -4.75 32.02 -4.73
C5 ISZ H . -4.97 33.08 -3.94
C3 ISZ H . -5.55 34.25 -4.45
C1 ISZ H . -5.88 34.31 -5.83
C6 ISZ H . -6.45 35.62 -6.48
O1 ISZ H . -6.55 35.72 -7.70
N2 ISZ H . -6.75 36.63 -5.66
N3 ISZ H . -7.19 37.69 -6.14
#